data_7G7U
#
_entry.id   7G7U
#
_cell.length_a   83.267
_cell.length_b   91.308
_cell.length_c   117.604
_cell.angle_alpha   90.000
_cell.angle_beta   90.000
_cell.angle_gamma   90.000
#
_symmetry.space_group_name_H-M   'P 21 21 21'
#
loop_
_entity.id
_entity.type
_entity.pdbx_description
1 polymer 'Isoform 2 of Ectonucleotide pyrophosphatase/phosphodiesterase family member 2'
2 branched alpha-D-mannopyranose-(1-2)-alpha-D-mannopyranose-(1-3)-alpha-D-mannopyranose-(1-6)-[alpha-D-mannopyranose-(1-2)-alpha-D-mannopyranose-(1-3)]beta-D-mannopyranose-(1-4)-2-acetamido-2-deoxy-beta-D-glucopyranose-(1-4)-2-acetamido-2-deoxy-beta-D-glucopyranose
3 non-polymer 4-[(3aR,6aS)-5-{2-cyclopropyl-6-[(oxan-4-yl)methoxy]pyridine-4-carbonyl}hexahydropyrrolo[3,4-c]pyrrole-2(1H)-carbonyl]-3-fluorobenzene-1-sulfonamide
4 non-polymer 'CALCIUM ION'
5 non-polymer 'ACETATE ION'
6 non-polymer 'POTASSIUM ION'
7 non-polymer 'ZINC ION'
8 non-polymer 'SODIUM ION'
9 water water
#
_entity_poly.entity_id   1
_entity_poly.type   'polypeptide(L)'
_entity_poly.pdbx_seq_one_letter_code
;FTASRIKRAEWDEGPPTVLSDSPWTATSGSCKGRCFELQEVGPPDCRCDNLCKSYSSCCHDFDELCLKTARGWECTKDRC
GEVRNEENACHCSEDCLSRGDCCTNYQVVCKGESHWVDDDCEEIKVPECPAGFVRPPLIIFSVDGFRASYMKKGSKVMPN
IEKLRSCGTHAPYMRPVYPTKTFPNLYTLATGLYPESHGIVGNSMYDPVFDASFHLRGREKFNHRWWGGQPLWITATKQG
VRAGTFFWSVSIPHERRILTILQWLSLPDNERPSVYAFYSEQPDFSGHKYGPFGPEMTNPLREIDKTVGQLMDGLKQLRL
HRCVNVIFVGDHGMEDVTCDRTEFLSNYLTNVDDITLVPGTLGRIRAKSINNSKYDPKTIIAALTCKKPDQHFKPYMKQH
LPKRLHYANNRRIEDIHLLVDRRWHVARKPLDVYKKPSGKCFFQGDHGFDNKVNSMQTVFVGYGPTFKYRTKVPPFENIE
LYNVMCDLLGLKPAPNNGTHGSLNHLLRTNTFRPTMPDEVSRPNYPGIMYLQSEFDLGCTCDDKVEPKNKLEELNKRLHT
KGSTKERHLLYGRPAVLYRTSYDILYHTDFESGYSEIFLMPLWTSYTISKQAEVSSIPEHLTNCVRPDVRVSPGFSQNCL
AYKNDKQMSYGFLFPPYLSSSPEAKYDAFLVTNMVPMYPAFKRVWAYFQRVLVKKYASERNGVNVISGPIFDYNYDGLRD
TEDEIKQYVEGSSIPVPTHYYSIITSCLDFTQPADKCDGPLSVSSFILPHRPDNDESCNSSEDESKWVEELMKMHTARVR
DIEHLTGLDFYRKTSRSYSEILTLKTYLHTYESEIGGRHHHHHHHH
;
_entity_poly.pdbx_strand_id   A
#
loop_
_chem_comp.id
_chem_comp.type
_chem_comp.name
_chem_comp.formula
ACT non-polymer 'ACETATE ION' 'C2 H3 O2 -1'
BMA D-saccharide, beta linking beta-D-mannopyranose 'C6 H12 O6'
CA non-polymer 'CALCIUM ION' 'Ca 2'
K non-polymer 'POTASSIUM ION' 'K 1'
MAN D-saccharide, alpha linking alpha-D-mannopyranose 'C6 H12 O6'
NA non-polymer 'SODIUM ION' 'Na 1'
NAG D-saccharide, beta linking 2-acetamido-2-deoxy-beta-D-glucopyranose 'C8 H15 N O6'
YE0 non-polymer 4-[(3aR,6aS)-5-{2-cyclopropyl-6-[(oxan-4-yl)methoxy]pyridine-4-carbonyl}hexahydropyrrolo[3,4-c]pyrrole-2(1H)-carbonyl]-3-fluorobenzene-1-sulfonamide 'C28 H33 F N4 O6 S'
ZN non-polymer 'ZINC ION' 'Zn 2'
#
# COMPACT_ATOMS: atom_id res chain seq x y z
N TRP A 24 34.97 14.58 -13.71
CA TRP A 24 35.62 14.77 -15.04
C TRP A 24 35.45 13.57 -15.97
N THR A 25 35.41 13.84 -17.29
CA THR A 25 35.39 12.78 -18.33
C THR A 25 36.45 12.92 -19.48
N ALA A 26 37.37 11.94 -19.54
CA ALA A 26 38.23 11.73 -20.73
C ALA A 26 37.51 10.78 -21.72
N THR A 27 36.59 11.37 -22.53
CA THR A 27 35.76 10.64 -23.54
C THR A 27 36.58 10.10 -24.77
N SER A 28 37.91 10.08 -24.56
CA SER A 28 38.98 9.68 -25.53
C SER A 28 38.92 8.27 -26.18
N GLY A 29 38.40 7.28 -25.43
CA GLY A 29 38.30 5.90 -25.91
C GLY A 29 37.25 5.67 -27.00
N SER A 30 36.86 4.41 -27.17
CA SER A 30 35.92 4.04 -28.22
C SER A 30 34.86 3.04 -27.76
N CYS A 31 33.65 3.26 -28.26
CA CYS A 31 32.53 2.37 -27.97
C CYS A 31 32.44 1.13 -28.84
N LYS A 32 33.38 0.95 -29.79
CA LYS A 32 33.28 -0.19 -30.72
C LYS A 32 33.39 -1.54 -29.98
N GLY A 33 32.42 -2.42 -30.26
CA GLY A 33 32.24 -3.68 -29.54
C GLY A 33 31.58 -3.63 -28.16
N ARG A 34 31.57 -2.46 -27.48
CA ARG A 34 31.03 -2.27 -26.12
C ARG A 34 29.57 -1.70 -26.09
N CYS A 35 28.88 -1.66 -27.24
CA CYS A 35 27.58 -0.96 -27.35
C CYS A 35 26.54 -1.52 -26.39
N PHE A 36 26.09 -0.68 -25.46
CA PHE A 36 25.15 -1.03 -24.37
C PHE A 36 25.71 -2.04 -23.39
N GLU A 37 26.56 -1.49 -22.52
CA GLU A 37 27.42 -2.27 -21.64
C GLU A 37 26.84 -2.59 -20.25
N LEU A 38 26.75 -3.89 -19.98
CA LEU A 38 26.13 -4.50 -18.78
C LEU A 38 26.87 -4.23 -17.47
N GLN A 39 28.18 -4.01 -17.59
CA GLN A 39 28.99 -3.56 -16.47
C GLN A 39 29.61 -2.21 -16.78
N GLU A 40 29.06 -1.18 -16.13
CA GLU A 40 29.52 0.19 -16.24
C GLU A 40 30.99 0.32 -15.78
N VAL A 41 31.76 1.15 -16.49
CA VAL A 41 33.14 1.52 -16.08
C VAL A 41 33.21 2.87 -15.35
N GLY A 42 34.30 3.07 -14.62
CA GLY A 42 34.47 4.20 -13.68
C GLY A 42 35.19 5.39 -14.29
N PRO A 43 34.83 6.64 -13.86
CA PRO A 43 35.53 7.92 -14.24
C PRO A 43 37.11 7.87 -14.28
N PRO A 44 37.77 8.68 -15.14
CA PRO A 44 37.12 9.49 -16.23
C PRO A 44 36.98 8.74 -17.60
N ASP A 45 37.46 7.48 -17.69
CA ASP A 45 37.25 6.60 -18.88
C ASP A 45 35.78 6.59 -19.35
N CYS A 46 35.61 6.55 -20.68
CA CYS A 46 34.32 6.82 -21.31
C CYS A 46 33.48 5.56 -21.43
N ARG A 47 32.17 5.77 -21.30
CA ARG A 47 31.17 4.73 -21.12
C ARG A 47 30.40 4.44 -22.40
N CYS A 48 29.78 3.26 -22.46
CA CYS A 48 28.99 2.83 -23.60
C CYS A 48 27.67 2.16 -23.15
N ASP A 49 27.28 2.42 -21.90
CA ASP A 49 26.07 1.84 -21.28
C ASP A 49 24.81 2.72 -21.43
N ASN A 50 23.64 2.10 -21.32
CA ASN A 50 22.36 2.79 -21.53
C ASN A 50 22.09 4.02 -20.68
N LEU A 51 22.97 4.29 -19.72
CA LEU A 51 22.89 5.49 -18.87
C LEU A 51 23.97 6.56 -19.08
N CYS A 52 24.92 6.32 -19.98
CA CYS A 52 26.06 7.24 -20.16
C CYS A 52 25.65 8.66 -20.56
N LYS A 53 24.64 8.76 -21.43
CA LYS A 53 24.05 10.03 -21.88
C LYS A 53 23.59 10.91 -20.71
N SER A 54 22.77 10.32 -19.84
CA SER A 54 22.19 10.98 -18.66
C SER A 54 23.24 11.36 -17.60
N TYR A 55 24.45 10.80 -17.74
CA TYR A 55 25.59 11.23 -16.94
C TYR A 55 26.46 12.26 -17.70
N SER A 56 26.26 12.39 -19.03
CA SER A 56 27.11 13.19 -19.96
C SER A 56 28.56 12.70 -19.97
N SER A 57 28.78 11.54 -20.60
CA SER A 57 30.05 10.76 -20.45
C SER A 57 30.33 9.63 -21.48
N CYS A 58 29.51 9.53 -22.52
CA CYS A 58 29.70 8.49 -23.55
C CYS A 58 30.91 8.80 -24.44
N CYS A 59 31.62 7.76 -24.89
CA CYS A 59 32.71 7.90 -25.87
C CYS A 59 32.20 8.63 -27.10
N HIS A 60 33.06 9.48 -27.66
CA HIS A 60 32.76 10.31 -28.83
C HIS A 60 31.92 9.60 -29.88
N ASP A 61 32.14 8.29 -30.05
CA ASP A 61 31.52 7.49 -31.13
C ASP A 61 30.25 6.68 -30.78
N PHE A 62 29.77 6.88 -29.54
CA PHE A 62 28.52 6.31 -29.02
C PHE A 62 27.34 6.49 -29.98
N ASP A 63 27.01 7.74 -30.35
CA ASP A 63 25.91 8.01 -31.27
C ASP A 63 26.04 7.29 -32.61
N GLU A 64 27.23 7.37 -33.19
CA GLU A 64 27.54 6.75 -34.47
C GLU A 64 27.30 5.22 -34.46
N LEU A 65 27.75 4.58 -33.39
CA LEU A 65 27.82 3.12 -33.32
C LEU A 65 26.63 2.48 -32.62
N CYS A 66 26.22 3.09 -31.52
CA CYS A 66 25.21 2.52 -30.64
C CYS A 66 23.81 3.05 -30.92
N LEU A 67 23.70 4.16 -31.67
CA LEU A 67 22.38 4.78 -31.93
C LEU A 67 22.05 4.88 -33.41
N LYS A 68 22.43 3.86 -34.15
CA LYS A 68 22.12 3.73 -35.58
C LYS A 68 20.65 3.88 -35.87
N THR A 69 20.35 4.65 -36.92
CA THR A 69 18.96 4.97 -37.28
C THR A 69 18.64 4.66 -38.73
N ALA A 70 19.67 4.33 -39.51
CA ALA A 70 19.55 4.17 -40.97
C ALA A 70 18.53 3.14 -41.43
N ARG A 71 17.61 3.61 -42.27
CA ARG A 71 16.62 2.78 -42.99
C ARG A 71 15.41 2.39 -42.15
N GLY A 72 15.37 2.87 -40.91
CA GLY A 72 14.18 2.71 -40.07
C GLY A 72 14.11 1.41 -39.30
N TRP A 73 12.93 1.15 -38.74
CA TRP A 73 12.76 0.11 -37.73
C TRP A 73 12.09 -1.18 -38.22
N GLU A 74 11.86 -1.28 -39.52
CA GLU A 74 11.07 -2.38 -40.12
C GLU A 74 11.68 -2.88 -41.42
N CYS A 75 11.68 -4.20 -41.61
CA CYS A 75 11.98 -4.79 -42.89
C CYS A 75 10.82 -4.58 -43.87
N THR A 76 11.16 -4.54 -45.17
CA THR A 76 10.19 -4.55 -46.31
C THR A 76 10.61 -5.62 -47.33
N LYS A 77 9.71 -5.95 -48.28
CA LYS A 77 9.96 -7.01 -49.28
C LYS A 77 11.35 -6.96 -49.90
N ASP A 78 11.72 -5.78 -50.42
CA ASP A 78 13.04 -5.53 -51.06
C ASP A 78 14.30 -5.78 -50.19
N ARG A 79 14.20 -5.56 -48.88
CA ARG A 79 15.33 -5.76 -47.96
C ARG A 79 15.56 -7.25 -47.63
N CYS A 80 14.59 -8.12 -47.98
CA CYS A 80 14.65 -9.55 -47.66
C CYS A 80 15.80 -10.30 -48.33
N GLY A 81 16.85 -10.53 -47.55
CA GLY A 81 18.07 -11.14 -48.05
C GLY A 81 19.00 -10.13 -48.70
N GLU A 82 18.96 -8.89 -48.23
CA GLU A 82 20.04 -7.92 -48.44
C GLU A 82 21.37 -8.52 -47.95
N VAL A 83 22.49 -7.92 -48.36
CA VAL A 83 23.79 -8.24 -47.77
C VAL A 83 23.88 -7.32 -46.57
N ARG A 84 24.28 -7.89 -45.43
CA ARG A 84 24.42 -7.17 -44.16
C ARG A 84 25.20 -5.87 -44.39
N ASN A 85 24.60 -4.76 -43.98
CA ASN A 85 25.18 -3.44 -44.07
C ASN A 85 25.17 -2.91 -42.63
N GLU A 86 26.37 -2.81 -42.06
CA GLU A 86 26.52 -2.53 -40.61
C GLU A 86 26.09 -1.12 -40.19
N GLU A 87 25.69 -0.28 -41.13
CA GLU A 87 25.12 1.04 -40.81
C GLU A 87 23.62 0.98 -40.42
N ASN A 88 22.92 -0.08 -40.83
CA ASN A 88 21.47 -0.14 -40.67
C ASN A 88 21.00 -0.23 -39.19
N ALA A 89 19.94 0.51 -38.87
CA ALA A 89 19.26 0.46 -37.59
C ALA A 89 19.01 -0.99 -37.13
N CYS A 90 18.48 -1.81 -38.03
CA CYS A 90 18.34 -3.26 -37.82
C CYS A 90 18.39 -4.02 -39.15
N HIS A 91 18.47 -5.35 -39.10
CA HIS A 91 18.86 -6.14 -40.30
C HIS A 91 17.78 -7.07 -40.83
N CYS A 92 17.82 -7.32 -42.15
CA CYS A 92 16.91 -8.22 -42.84
C CYS A 92 17.69 -9.24 -43.67
N SER A 93 18.95 -9.43 -43.28
CA SER A 93 19.86 -10.38 -43.92
C SER A 93 19.83 -11.76 -43.25
N GLU A 94 19.91 -12.77 -44.11
CA GLU A 94 19.96 -14.19 -43.75
C GLU A 94 20.63 -14.56 -42.40
N ASP A 95 21.74 -13.89 -42.07
CA ASP A 95 22.51 -14.14 -40.83
C ASP A 95 21.93 -13.52 -39.54
N CYS A 96 20.85 -12.74 -39.67
CA CYS A 96 20.41 -11.81 -38.60
C CYS A 96 19.94 -12.49 -37.33
N LEU A 97 19.29 -13.64 -37.48
CA LEU A 97 18.72 -14.42 -36.37
C LEU A 97 19.73 -14.97 -35.36
N SER A 98 20.86 -15.51 -35.84
CA SER A 98 21.92 -16.05 -34.96
C SER A 98 22.75 -14.94 -34.34
N ARG A 99 22.79 -13.80 -35.05
CA ARG A 99 23.34 -12.52 -34.56
C ARG A 99 22.40 -11.79 -33.60
N GLY A 100 21.10 -12.13 -33.66
CA GLY A 100 20.03 -11.57 -32.78
C GLY A 100 19.74 -10.08 -32.99
N ASP A 101 19.93 -9.61 -34.23
CA ASP A 101 19.72 -8.20 -34.54
C ASP A 101 18.87 -7.92 -35.79
N CYS A 102 18.03 -8.88 -36.18
CA CYS A 102 16.94 -8.62 -37.14
C CYS A 102 16.00 -7.48 -36.68
N CYS A 103 15.37 -6.78 -37.62
CA CYS A 103 14.20 -5.97 -37.26
C CYS A 103 13.12 -6.92 -36.72
N THR A 104 12.28 -6.44 -35.79
CA THR A 104 11.34 -7.33 -35.09
C THR A 104 10.33 -7.99 -36.04
N ASN A 105 10.14 -7.38 -37.22
CA ASN A 105 9.17 -7.89 -38.20
C ASN A 105 9.78 -8.74 -39.34
N TYR A 106 11.08 -8.98 -39.27
CA TYR A 106 11.80 -9.80 -40.26
C TYR A 106 11.06 -11.08 -40.71
N GLN A 107 10.81 -12.00 -39.79
CA GLN A 107 10.21 -13.28 -40.13
C GLN A 107 8.80 -13.09 -40.66
N VAL A 108 8.15 -11.99 -40.27
CA VAL A 108 6.82 -11.71 -40.80
C VAL A 108 6.92 -11.35 -42.29
N VAL A 109 7.79 -10.40 -42.62
CA VAL A 109 7.89 -9.83 -43.98
C VAL A 109 8.59 -10.78 -44.95
N CYS A 110 9.64 -11.46 -44.47
CA CYS A 110 10.56 -12.24 -45.31
C CYS A 110 10.41 -13.77 -45.27
N LYS A 111 9.57 -14.30 -44.39
CA LYS A 111 9.51 -15.74 -44.19
C LYS A 111 8.07 -16.21 -44.00
N GLY A 112 7.12 -15.33 -44.27
CA GLY A 112 5.69 -15.66 -44.28
C GLY A 112 5.07 -16.00 -42.92
N GLU A 113 5.74 -15.68 -41.83
CA GLU A 113 5.18 -15.92 -40.49
C GLU A 113 4.16 -14.85 -40.09
N SER A 114 3.32 -15.15 -39.09
CA SER A 114 2.32 -14.21 -38.55
C SER A 114 2.87 -13.38 -37.38
N HIS A 115 2.31 -12.19 -37.19
CA HIS A 115 2.50 -11.35 -36.00
C HIS A 115 1.96 -12.10 -34.78
N TRP A 116 2.68 -11.98 -33.66
CA TRP A 116 2.28 -12.67 -32.42
C TRP A 116 0.83 -12.37 -32.05
N VAL A 117 0.41 -11.12 -32.21
CA VAL A 117 -0.98 -10.71 -31.88
C VAL A 117 -2.09 -11.44 -32.66
N ASP A 118 -1.76 -11.98 -33.84
CA ASP A 118 -2.77 -12.71 -34.65
C ASP A 118 -2.85 -14.21 -34.35
N ASP A 119 -2.00 -14.69 -33.44
CA ASP A 119 -2.03 -16.09 -33.04
C ASP A 119 -3.01 -16.27 -31.89
N ASP A 120 -3.83 -17.33 -31.91
CA ASP A 120 -4.77 -17.58 -30.81
C ASP A 120 -3.97 -17.94 -29.57
N CYS A 121 -4.47 -17.69 -28.37
CA CYS A 121 -3.59 -18.07 -27.28
C CYS A 121 -3.73 -19.53 -26.97
N GLU A 122 -2.62 -20.12 -26.58
CA GLU A 122 -2.53 -21.49 -26.14
C GLU A 122 -1.83 -21.44 -24.79
N GLU A 123 -2.39 -22.15 -23.80
CA GLU A 123 -1.85 -22.26 -22.47
C GLU A 123 -0.35 -22.61 -22.47
N ILE A 124 0.43 -21.89 -21.69
CA ILE A 124 1.84 -22.20 -21.51
C ILE A 124 2.00 -22.93 -20.17
N LYS A 125 1.94 -24.26 -20.22
CA LYS A 125 1.97 -25.09 -18.99
C LYS A 125 3.35 -25.25 -18.38
N VAL A 126 4.40 -25.25 -19.23
CA VAL A 126 5.81 -25.33 -18.81
C VAL A 126 6.65 -24.31 -19.64
N PRO A 127 7.83 -23.90 -19.14
CA PRO A 127 8.64 -23.02 -19.98
C PRO A 127 9.14 -23.80 -21.20
N GLU A 128 8.99 -23.21 -22.38
CA GLU A 128 9.45 -23.79 -23.64
C GLU A 128 10.61 -22.89 -24.09
N CYS A 129 11.80 -23.25 -23.61
CA CYS A 129 12.99 -22.42 -23.71
C CYS A 129 14.05 -23.13 -24.55
N PRO A 130 14.95 -22.37 -25.23
CA PRO A 130 16.13 -22.97 -25.92
C PRO A 130 17.08 -23.62 -24.91
N ALA A 131 17.82 -24.65 -25.33
CA ALA A 131 18.76 -25.33 -24.41
C ALA A 131 19.78 -24.34 -23.86
N GLY A 132 20.16 -24.51 -22.60
CA GLY A 132 21.04 -23.54 -21.95
C GLY A 132 20.39 -22.59 -20.96
N PHE A 133 19.11 -22.29 -21.14
CA PHE A 133 18.34 -21.50 -20.14
C PHE A 133 18.11 -22.30 -18.86
N VAL A 134 18.63 -21.78 -17.73
CA VAL A 134 18.41 -22.40 -16.40
C VAL A 134 17.08 -22.00 -15.69
N ARG A 135 16.46 -20.88 -16.10
CA ARG A 135 15.19 -20.42 -15.52
C ARG A 135 14.51 -19.53 -16.61
N PRO A 136 13.16 -19.42 -16.59
CA PRO A 136 12.54 -18.47 -17.55
C PRO A 136 13.04 -17.04 -17.26
N PRO A 137 13.51 -16.27 -18.28
CA PRO A 137 13.86 -14.84 -17.96
C PRO A 137 12.56 -14.05 -17.56
N LEU A 138 12.73 -12.90 -16.89
CA LEU A 138 11.66 -11.97 -16.53
C LEU A 138 11.91 -10.65 -17.22
N ILE A 139 10.90 -10.17 -17.96
CA ILE A 139 10.91 -8.83 -18.53
C ILE A 139 9.83 -7.91 -17.86
N ILE A 140 10.26 -6.83 -17.23
CA ILE A 140 9.33 -5.89 -16.59
C ILE A 140 9.15 -4.68 -17.53
N PHE A 141 7.94 -4.50 -18.08
CA PHE A 141 7.58 -3.45 -19.03
C PHE A 141 6.75 -2.46 -18.22
N SER A 142 7.36 -1.33 -17.82
CA SER A 142 6.67 -0.39 -16.97
C SER A 142 6.24 0.83 -17.76
N VAL A 143 5.05 1.38 -17.46
CA VAL A 143 4.42 2.45 -18.28
C VAL A 143 4.01 3.58 -17.32
N ASP A 144 4.64 4.74 -17.45
CA ASP A 144 4.40 5.84 -16.54
C ASP A 144 2.98 6.46 -16.75
N GLY A 145 2.22 6.67 -15.67
CA GLY A 145 0.93 7.36 -15.80
C GLY A 145 -0.14 6.51 -16.47
N PHE A 146 0.05 5.20 -16.63
CA PHE A 146 -0.99 4.35 -17.25
C PHE A 146 -2.16 4.08 -16.24
N ARG A 147 -3.21 4.87 -16.32
CA ARG A 147 -4.36 4.70 -15.44
C ARG A 147 -5.13 3.38 -15.71
N ALA A 148 -5.66 2.75 -14.65
CA ALA A 148 -6.32 1.42 -14.74
C ALA A 148 -7.42 1.35 -15.75
N SER A 149 -8.25 2.39 -15.82
CA SER A 149 -9.38 2.36 -16.78
C SER A 149 -8.99 2.40 -18.28
N TYR A 150 -7.72 2.71 -18.61
CA TYR A 150 -7.23 2.56 -19.99
C TYR A 150 -7.35 1.13 -20.53
N MET A 151 -7.22 0.10 -19.69
CA MET A 151 -7.41 -1.30 -20.19
C MET A 151 -8.76 -1.50 -20.91
N LYS A 152 -9.85 -0.99 -20.32
CA LYS A 152 -11.16 -1.02 -20.98
C LYS A 152 -11.36 0.10 -22.03
N LYS A 153 -11.03 1.33 -21.65
CA LYS A 153 -11.37 2.49 -22.52
C LYS A 153 -10.51 2.62 -23.77
N GLY A 154 -9.31 2.07 -23.72
CA GLY A 154 -8.50 2.01 -24.94
C GLY A 154 -8.40 0.65 -25.62
N SER A 155 -9.20 -0.35 -25.20
CA SER A 155 -9.05 -1.75 -25.72
C SER A 155 -8.99 -1.83 -27.22
N LYS A 156 -9.78 -1.00 -27.92
CA LYS A 156 -9.87 -1.09 -29.38
C LYS A 156 -8.61 -0.68 -30.10
N VAL A 157 -7.75 0.09 -29.45
CA VAL A 157 -6.56 0.57 -30.09
C VAL A 157 -5.26 -0.05 -29.52
N MET A 158 -5.38 -1.03 -28.62
CA MET A 158 -4.24 -1.72 -28.01
C MET A 158 -4.42 -3.24 -28.12
N PRO A 159 -4.38 -3.81 -29.35
CA PRO A 159 -4.56 -5.28 -29.46
C PRO A 159 -3.49 -6.21 -28.79
N ASN A 160 -2.21 -5.82 -28.83
CA ASN A 160 -1.18 -6.66 -28.20
C ASN A 160 -1.35 -6.75 -26.67
N ILE A 161 -1.57 -5.58 -26.04
CA ILE A 161 -1.80 -5.45 -24.59
C ILE A 161 -3.04 -6.22 -24.17
N GLU A 162 -4.10 -6.08 -24.96
CA GLU A 162 -5.38 -6.79 -24.73
C GLU A 162 -5.19 -8.29 -24.75
N LYS A 163 -4.36 -8.77 -25.67
CA LYS A 163 -4.05 -10.20 -25.71
C LYS A 163 -3.25 -10.64 -24.46
N LEU A 164 -2.20 -9.89 -24.09
CA LEU A 164 -1.46 -10.15 -22.82
C LEU A 164 -2.45 -10.28 -21.66
N ARG A 165 -3.41 -9.34 -21.60
CA ARG A 165 -4.37 -9.23 -20.53
C ARG A 165 -5.32 -10.41 -20.49
N SER A 166 -5.95 -10.74 -21.63
CA SER A 166 -6.97 -11.75 -21.59
C SER A 166 -6.40 -13.17 -21.51
N CYS A 167 -5.22 -13.38 -22.09
CA CYS A 167 -4.54 -14.70 -22.04
C CYS A 167 -3.74 -14.97 -20.77
N GLY A 168 -3.18 -13.90 -20.18
CA GLY A 168 -2.43 -14.01 -18.92
C GLY A 168 -3.30 -13.98 -17.68
N THR A 169 -2.71 -13.45 -16.61
CA THR A 169 -3.31 -13.20 -15.30
C THR A 169 -3.36 -11.69 -15.16
N HIS A 170 -4.51 -11.14 -14.76
CA HIS A 170 -4.57 -9.68 -14.68
C HIS A 170 -5.43 -9.28 -13.48
N ALA A 171 -5.18 -8.08 -12.95
CA ALA A 171 -6.08 -7.48 -11.94
C ALA A 171 -6.91 -6.39 -12.56
N PRO A 172 -8.14 -6.14 -12.07
CA PRO A 172 -8.87 -5.00 -12.64
C PRO A 172 -8.13 -3.67 -12.36
N TYR A 173 -7.38 -3.60 -11.26
CA TYR A 173 -6.42 -2.48 -11.06
C TYR A 173 -5.39 -2.82 -9.97
N MET A 174 -4.37 -1.99 -9.81
CA MET A 174 -3.39 -2.20 -8.83
C MET A 174 -3.27 -0.86 -8.08
N ARG A 175 -3.17 -0.93 -6.75
CA ARG A 175 -3.11 0.26 -5.93
C ARG A 175 -1.64 0.71 -5.77
N PRO A 176 -1.33 1.97 -6.16
CA PRO A 176 0.02 2.54 -5.95
C PRO A 176 0.28 2.86 -4.44
N VAL A 177 1.49 3.29 -4.10
CA VAL A 177 1.75 3.97 -2.82
C VAL A 177 1.52 5.49 -2.84
N TYR A 178 1.27 6.03 -1.65
CA TYR A 178 1.24 7.49 -1.42
C TYR A 178 2.63 7.99 -1.13
N PRO A 179 3.07 9.08 -1.75
CA PRO A 179 2.31 9.87 -2.74
C PRO A 179 2.35 9.25 -4.09
N THR A 180 1.27 9.43 -4.86
CA THR A 180 1.15 8.74 -6.14
C THR A 180 1.94 9.48 -7.22
N LYS A 181 3.24 9.60 -6.96
CA LYS A 181 4.19 10.28 -7.83
C LYS A 181 5.11 9.25 -8.40
N THR A 182 5.85 9.63 -9.41
CA THR A 182 6.69 8.72 -10.18
C THR A 182 7.84 8.02 -9.46
N PHE A 183 8.73 8.78 -8.82
CA PHE A 183 9.92 8.17 -8.21
C PHE A 183 9.59 7.28 -6.98
N PRO A 184 8.69 7.76 -6.08
CA PRO A 184 8.30 6.93 -4.96
C PRO A 184 7.68 5.61 -5.42
N ASN A 185 6.98 5.60 -6.54
CA ASN A 185 6.36 4.34 -6.98
C ASN A 185 7.24 3.40 -7.73
N LEU A 186 8.09 3.93 -8.62
CA LEU A 186 9.09 3.08 -9.30
C LEU A 186 10.02 2.41 -8.29
N TYR A 187 10.43 3.19 -7.28
CA TYR A 187 11.32 2.66 -6.23
C TYR A 187 10.64 1.69 -5.23
N THR A 188 9.34 1.89 -4.97
CA THR A 188 8.51 0.89 -4.28
C THR A 188 8.43 -0.42 -5.09
N LEU A 189 8.23 -0.31 -6.40
CA LEU A 189 8.13 -1.48 -7.25
C LEU A 189 9.49 -2.25 -7.19
N ALA A 190 10.58 -1.49 -7.12
CA ALA A 190 11.95 -2.06 -7.08
C ALA A 190 12.27 -2.76 -5.76
N THR A 191 11.62 -2.39 -4.67
CA THR A 191 12.11 -2.73 -3.32
C THR A 191 11.06 -3.38 -2.41
N GLY A 192 9.77 -3.26 -2.71
CA GLY A 192 8.78 -3.80 -1.75
C GLY A 192 8.58 -2.97 -0.49
N LEU A 193 9.19 -1.78 -0.43
CA LEU A 193 9.15 -0.91 0.75
C LEU A 193 8.20 0.31 0.55
N TYR A 194 7.53 0.73 1.63
CA TYR A 194 6.84 2.02 1.67
C TYR A 194 7.88 3.19 1.48
N PRO A 195 7.48 4.30 0.81
CA PRO A 195 8.38 5.49 0.71
C PRO A 195 9.01 5.90 2.02
N GLU A 196 8.28 5.86 3.15
CA GLU A 196 8.90 6.25 4.45
C GLU A 196 10.12 5.35 4.81
N SER A 197 10.10 4.09 4.40
CA SER A 197 11.23 3.19 4.60
C SER A 197 12.32 3.25 3.54
N HIS A 198 11.97 3.32 2.25
CA HIS A 198 13.04 3.36 1.19
C HIS A 198 13.65 4.75 1.01
N GLY A 199 12.95 5.79 1.46
CA GLY A 199 13.55 7.13 1.56
C GLY A 199 13.14 8.07 0.44
N ILE A 200 12.54 7.54 -0.65
CA ILE A 200 12.16 8.44 -1.78
C ILE A 200 10.73 8.88 -1.49
N VAL A 201 10.60 9.95 -0.70
CA VAL A 201 9.27 10.28 -0.17
C VAL A 201 8.50 11.26 -1.01
N GLY A 202 9.13 11.74 -2.08
CA GLY A 202 8.45 12.69 -2.95
C GLY A 202 9.25 12.79 -4.23
N ASN A 203 8.70 13.48 -5.25
CA ASN A 203 9.56 13.84 -6.42
C ASN A 203 10.59 14.96 -6.04
N SER A 204 10.28 15.74 -4.98
CA SER A 204 11.17 16.77 -4.44
C SER A 204 11.34 16.60 -2.89
N MET A 205 12.59 16.71 -2.37
CA MET A 205 12.91 16.39 -0.96
C MET A 205 14.01 17.26 -0.36
N TYR A 206 13.88 17.59 0.91
CA TYR A 206 15.02 18.07 1.71
C TYR A 206 15.38 17.12 2.86
N ASP A 207 16.63 16.65 2.93
CA ASP A 207 17.06 15.80 4.04
C ASP A 207 17.81 16.73 5.07
N PRO A 208 17.24 16.96 6.27
CA PRO A 208 17.90 17.90 7.20
C PRO A 208 19.17 17.34 7.84
N VAL A 209 19.36 16.03 7.81
CA VAL A 209 20.56 15.42 8.38
C VAL A 209 21.71 15.67 7.41
N PHE A 210 21.47 15.45 6.12
CA PHE A 210 22.48 15.69 5.10
C PHE A 210 22.59 17.18 4.75
N ASP A 211 21.58 17.98 5.10
CA ASP A 211 21.40 19.35 4.59
C ASP A 211 21.54 19.39 3.06
N ALA A 212 20.77 18.53 2.40
CA ALA A 212 20.87 18.41 0.96
C ALA A 212 19.45 18.25 0.36
N SER A 213 19.33 18.64 -0.92
CA SER A 213 18.07 18.64 -1.66
C SER A 213 18.10 17.69 -2.85
N PHE A 214 17.00 16.97 -3.05
CA PHE A 214 16.83 16.02 -4.18
C PHE A 214 15.84 16.67 -5.15
N HIS A 215 16.23 16.82 -6.41
CA HIS A 215 15.29 17.38 -7.43
C HIS A 215 15.21 16.53 -8.70
N LEU A 216 14.04 16.54 -9.34
CA LEU A 216 13.84 15.86 -10.66
C LEU A 216 14.94 16.22 -11.64
N ARG A 217 15.08 17.52 -11.88
CA ARG A 217 16.16 18.07 -12.69
C ARG A 217 17.44 18.10 -11.85
N GLY A 218 18.56 17.70 -12.46
CA GLY A 218 19.87 17.89 -11.86
C GLY A 218 20.58 16.67 -11.28
N ARG A 219 21.76 16.93 -10.73
CA ARG A 219 22.75 15.90 -10.45
C ARG A 219 22.53 15.12 -9.15
N GLU A 220 22.18 15.84 -8.07
CA GLU A 220 22.09 15.31 -6.69
C GLU A 220 21.40 13.93 -6.57
N LYS A 221 20.27 13.76 -7.26
CA LYS A 221 19.50 12.49 -7.28
C LYS A 221 20.32 11.20 -7.51
N PHE A 222 21.51 11.31 -8.14
CA PHE A 222 22.43 10.17 -8.44
C PHE A 222 23.23 9.65 -7.23
N ASN A 223 23.43 10.50 -6.23
CA ASN A 223 24.06 10.12 -4.96
C ASN A 223 23.26 8.98 -4.30
N HIS A 224 23.98 7.92 -3.94
CA HIS A 224 23.43 6.66 -3.48
C HIS A 224 22.78 6.74 -2.11
N ARG A 225 23.08 7.79 -1.34
CA ARG A 225 22.59 7.95 0.04
C ARG A 225 21.09 8.22 0.14
N TRP A 226 20.48 8.67 -0.95
CA TRP A 226 19.04 8.84 -1.06
C TRP A 226 18.25 7.53 -1.07
N TRP A 227 18.85 6.48 -1.64
CA TRP A 227 18.15 5.25 -2.09
C TRP A 227 18.37 4.14 -1.05
N GLY A 228 17.41 3.92 -0.15
CA GLY A 228 17.46 2.89 0.92
C GLY A 228 16.91 1.52 0.48
N GLY A 229 16.89 0.56 1.38
CA GLY A 229 16.48 -0.83 1.10
C GLY A 229 17.37 -1.53 0.09
N GLN A 230 16.86 -2.58 -0.54
CA GLN A 230 17.68 -3.26 -1.53
C GLN A 230 16.86 -3.57 -2.80
N PRO A 231 17.14 -2.89 -3.91
CA PRO A 231 16.27 -3.06 -5.05
C PRO A 231 16.54 -4.35 -5.80
N LEU A 232 15.58 -4.77 -6.63
CA LEU A 232 15.60 -6.10 -7.26
C LEU A 232 16.96 -6.46 -7.92
N TRP A 233 17.59 -5.46 -8.57
CA TRP A 233 18.80 -5.72 -9.39
C TRP A 233 20.00 -6.07 -8.48
N ILE A 234 20.05 -5.49 -7.27
CA ILE A 234 21.07 -5.79 -6.26
C ILE A 234 20.78 -7.17 -5.67
N THR A 235 19.51 -7.40 -5.32
CA THR A 235 19.08 -8.70 -4.83
C THR A 235 19.51 -9.82 -5.77
N ALA A 236 19.29 -9.62 -7.07
CA ALA A 236 19.63 -10.59 -8.08
C ALA A 236 21.17 -10.81 -8.10
N THR A 237 21.92 -9.72 -8.19
CA THR A 237 23.40 -9.73 -8.24
C THR A 237 23.99 -10.46 -7.06
N LYS A 238 23.56 -10.10 -5.86
CA LYS A 238 24.08 -10.69 -4.63
C LYS A 238 23.78 -12.19 -4.52
N GLN A 239 22.80 -12.69 -5.27
CA GLN A 239 22.50 -14.14 -5.20
C GLN A 239 22.85 -14.86 -6.48
N GLY A 240 23.68 -14.19 -7.28
CA GLY A 240 24.25 -14.79 -8.49
C GLY A 240 23.35 -14.86 -9.71
N VAL A 241 22.36 -13.97 -9.81
CA VAL A 241 21.53 -13.88 -11.00
C VAL A 241 21.90 -12.57 -11.68
N ARG A 242 22.22 -12.65 -12.97
CA ARG A 242 22.62 -11.49 -13.75
C ARG A 242 21.42 -10.64 -14.20
N ALA A 243 21.58 -9.34 -13.99
CA ALA A 243 20.56 -8.34 -14.31
C ALA A 243 20.93 -7.43 -15.49
N GLY A 244 19.96 -7.26 -16.41
CA GLY A 244 19.98 -6.21 -17.47
C GLY A 244 19.97 -4.88 -16.75
N THR A 245 20.35 -3.81 -17.43
CA THR A 245 20.38 -2.51 -16.78
C THR A 245 18.99 -1.89 -16.96
N PHE A 246 18.42 -1.43 -15.86
CA PHE A 246 17.00 -1.09 -15.73
C PHE A 246 16.65 0.30 -16.25
N PHE A 247 17.69 1.11 -16.41
CA PHE A 247 17.54 2.55 -16.58
C PHE A 247 17.92 2.96 -17.98
N TRP A 248 17.06 3.80 -18.53
CA TRP A 248 17.15 4.22 -19.89
C TRP A 248 17.23 5.74 -19.92
N SER A 249 18.27 6.25 -20.59
CA SER A 249 18.35 7.69 -20.93
C SER A 249 17.22 8.06 -21.85
N VAL A 250 16.63 9.21 -21.55
CA VAL A 250 15.43 9.70 -22.18
C VAL A 250 15.50 9.76 -23.72
N SER A 251 16.67 10.10 -24.27
CA SER A 251 16.83 10.24 -25.72
C SER A 251 17.02 8.92 -26.51
N ILE A 252 17.17 7.79 -25.82
CA ILE A 252 17.32 6.51 -26.54
C ILE A 252 15.92 6.10 -27.00
N PRO A 253 15.64 6.11 -28.32
CA PRO A 253 14.25 5.86 -28.69
C PRO A 253 13.75 4.46 -28.29
N HIS A 254 12.44 4.35 -28.08
CA HIS A 254 11.82 3.08 -27.66
C HIS A 254 12.25 1.86 -28.46
N GLU A 255 12.30 2.02 -29.79
CA GLU A 255 12.61 0.88 -30.67
C GLU A 255 14.01 0.36 -30.41
N ARG A 256 14.92 1.25 -30.03
CA ARG A 256 16.29 0.86 -29.81
C ARG A 256 16.42 0.13 -28.45
N ARG A 257 15.63 0.58 -27.46
CA ARG A 257 15.56 -0.08 -26.17
C ARG A 257 15.10 -1.53 -26.39
N ILE A 258 14.04 -1.75 -27.17
CA ILE A 258 13.52 -3.09 -27.45
C ILE A 258 14.59 -3.94 -28.17
N LEU A 259 15.28 -3.34 -29.15
CA LEU A 259 16.30 -4.08 -29.91
C LEU A 259 17.44 -4.56 -29.01
N THR A 260 17.89 -3.70 -28.10
CA THR A 260 18.95 -4.00 -27.17
C THR A 260 18.59 -5.21 -26.27
N ILE A 261 17.36 -5.20 -25.75
CA ILE A 261 16.90 -6.28 -24.89
C ILE A 261 16.88 -7.59 -25.69
N LEU A 262 16.38 -7.56 -26.92
CA LEU A 262 16.37 -8.75 -27.77
C LEU A 262 17.80 -9.26 -28.08
N GLN A 263 18.75 -8.34 -28.26
CA GLN A 263 20.14 -8.70 -28.47
C GLN A 263 20.76 -9.34 -27.20
N TRP A 264 20.50 -8.75 -26.03
CA TRP A 264 20.99 -9.32 -24.79
C TRP A 264 20.49 -10.74 -24.58
N LEU A 265 19.23 -10.98 -24.96
CA LEU A 265 18.61 -12.30 -24.89
C LEU A 265 19.24 -13.32 -25.85
N SER A 266 19.92 -12.82 -26.89
CA SER A 266 20.74 -13.69 -27.79
C SER A 266 22.13 -14.13 -27.27
N LEU A 267 22.64 -13.45 -26.25
CA LEU A 267 23.97 -13.65 -25.69
C LEU A 267 24.11 -15.07 -25.20
N PRO A 268 25.35 -15.60 -25.11
CA PRO A 268 25.47 -17.00 -24.70
C PRO A 268 25.27 -17.18 -23.20
N ASP A 269 25.00 -18.43 -22.82
CA ASP A 269 24.62 -18.84 -21.45
C ASP A 269 25.13 -18.05 -20.22
N ASN A 270 26.44 -17.88 -20.04
CA ASN A 270 26.95 -17.18 -18.83
C ASN A 270 27.09 -15.64 -18.92
N GLU A 271 26.52 -15.07 -19.97
CA GLU A 271 26.57 -13.63 -20.21
C GLU A 271 25.16 -13.04 -20.21
N ARG A 272 24.21 -13.87 -20.59
CA ARG A 272 22.86 -13.42 -20.89
C ARG A 272 22.19 -13.09 -19.54
N PRO A 273 21.68 -11.84 -19.35
CA PRO A 273 20.94 -11.60 -18.08
C PRO A 273 19.68 -12.45 -17.94
N SER A 274 19.21 -12.63 -16.70
CA SER A 274 17.94 -13.31 -16.43
C SER A 274 16.76 -12.33 -16.15
N VAL A 275 17.04 -11.06 -15.92
CA VAL A 275 15.96 -10.09 -15.62
C VAL A 275 16.24 -8.81 -16.43
N TYR A 276 15.17 -8.19 -16.97
CA TYR A 276 15.25 -7.01 -17.86
C TYR A 276 14.14 -6.04 -17.51
N ALA A 277 14.41 -4.74 -17.71
CA ALA A 277 13.40 -3.71 -17.54
C ALA A 277 13.36 -2.83 -18.78
N PHE A 278 12.13 -2.52 -19.19
CA PHE A 278 11.84 -1.45 -20.15
C PHE A 278 10.96 -0.42 -19.44
N TYR A 279 11.27 0.86 -19.65
CA TYR A 279 10.47 1.97 -19.10
C TYR A 279 9.98 2.88 -20.23
N SER A 280 8.70 3.24 -20.20
CA SER A 280 8.12 4.22 -21.14
C SER A 280 7.62 5.45 -20.38
N GLU A 281 7.98 6.64 -20.90
CA GLU A 281 7.58 7.94 -20.38
C GLU A 281 6.09 8.25 -20.68
N GLN A 282 5.53 7.50 -21.62
CA GLN A 282 4.13 7.60 -22.01
C GLN A 282 3.30 6.49 -21.28
N PRO A 283 2.02 6.73 -20.95
CA PRO A 283 1.25 7.90 -21.45
C PRO A 283 1.35 9.16 -20.55
N ASP A 284 2.11 9.06 -19.47
CA ASP A 284 2.23 10.18 -18.49
C ASP A 284 2.59 11.56 -19.17
N PHE A 285 3.57 11.57 -20.09
CA PHE A 285 4.02 12.86 -20.72
C PHE A 285 2.83 13.59 -21.38
N SER A 286 2.07 12.87 -22.22
CA SER A 286 0.87 13.46 -22.86
C SER A 286 -0.31 13.70 -21.89
N GLY A 287 -0.51 12.80 -20.91
CA GLY A 287 -1.50 12.96 -19.83
C GLY A 287 -1.44 14.31 -19.12
N HIS A 288 -0.23 14.76 -18.82
CA HIS A 288 -0.04 16.05 -18.16
C HIS A 288 -0.52 17.21 -19.04
N LYS A 289 -0.21 17.17 -20.33
CA LYS A 289 -0.62 18.22 -21.28
C LYS A 289 -2.11 18.23 -21.62
N TYR A 290 -2.70 17.05 -21.81
CA TYR A 290 -4.07 16.94 -22.31
C TYR A 290 -5.15 16.38 -21.39
N GLY A 291 -4.78 15.97 -20.16
CA GLY A 291 -5.73 15.33 -19.27
C GLY A 291 -5.78 13.81 -19.55
N PRO A 292 -6.19 12.99 -18.55
CA PRO A 292 -6.25 11.52 -18.72
C PRO A 292 -6.99 11.03 -19.96
N PHE A 293 -8.12 11.66 -20.33
CA PHE A 293 -8.87 11.18 -21.50
C PHE A 293 -8.97 12.24 -22.60
N GLY A 294 -8.08 13.23 -22.62
CA GLY A 294 -7.96 14.11 -23.80
C GLY A 294 -7.99 13.34 -25.11
N PRO A 295 -8.64 13.89 -26.16
CA PRO A 295 -8.62 13.21 -27.47
C PRO A 295 -7.23 12.92 -28.03
N GLU A 296 -6.23 13.73 -27.64
CA GLU A 296 -4.86 13.54 -28.12
C GLU A 296 -4.24 12.26 -27.48
N MET A 297 -4.93 11.63 -26.51
CA MET A 297 -4.36 10.49 -25.73
C MET A 297 -4.43 9.18 -26.52
N THR A 298 -5.28 9.10 -27.54
CA THR A 298 -5.40 7.84 -28.33
C THR A 298 -4.05 7.45 -28.97
N ASN A 299 -3.34 8.43 -29.53
CA ASN A 299 -2.04 8.17 -30.22
C ASN A 299 -0.90 7.61 -29.36
N PRO A 300 -0.61 8.21 -28.15
CA PRO A 300 0.36 7.59 -27.21
C PRO A 300 0.00 6.15 -26.79
N LEU A 301 -1.29 5.86 -26.61
CA LEU A 301 -1.82 4.49 -26.39
C LEU A 301 -1.53 3.54 -27.56
N ARG A 302 -1.84 3.97 -28.80
CA ARG A 302 -1.41 3.27 -30.00
C ARG A 302 0.11 3.02 -30.04
N GLU A 303 0.94 4.03 -29.74
CA GLU A 303 2.42 3.89 -29.81
C GLU A 303 2.96 2.86 -28.77
N ILE A 304 2.41 2.87 -27.55
CA ILE A 304 2.79 1.89 -26.51
C ILE A 304 2.42 0.48 -26.96
N ASP A 305 1.21 0.27 -27.47
CA ASP A 305 0.85 -1.06 -28.00
C ASP A 305 1.76 -1.57 -29.13
N LYS A 306 2.18 -0.65 -29.98
CA LYS A 306 3.08 -1.00 -31.08
C LYS A 306 4.44 -1.52 -30.53
N THR A 307 4.96 -0.86 -29.50
CA THR A 307 6.18 -1.28 -28.82
C THR A 307 6.06 -2.67 -28.19
N VAL A 308 4.94 -2.93 -27.48
CA VAL A 308 4.57 -4.27 -27.01
C VAL A 308 4.57 -5.30 -28.20
N GLY A 309 3.98 -4.93 -29.34
CA GLY A 309 3.96 -5.79 -30.55
C GLY A 309 5.35 -6.14 -31.07
N GLN A 310 6.26 -5.17 -31.01
CA GLN A 310 7.64 -5.34 -31.46
C GLN A 310 8.36 -6.34 -30.52
N LEU A 311 8.19 -6.13 -29.21
CA LEU A 311 8.76 -7.05 -28.21
C LEU A 311 8.25 -8.48 -28.41
N MET A 312 6.93 -8.65 -28.49
CA MET A 312 6.36 -10.00 -28.69
C MET A 312 6.73 -10.66 -30.04
N ASP A 313 6.71 -9.94 -31.18
CA ASP A 313 7.22 -10.48 -32.48
C ASP A 313 8.72 -10.84 -32.38
N GLY A 314 9.50 -9.95 -31.77
CA GLY A 314 10.91 -10.20 -31.51
C GLY A 314 11.19 -11.45 -30.71
N LEU A 315 10.39 -11.66 -29.63
CA LEU A 315 10.61 -12.82 -28.78
C LEU A 315 10.18 -14.07 -29.58
N LYS A 316 9.13 -13.92 -30.38
CA LYS A 316 8.63 -15.06 -31.16
C LYS A 316 9.69 -15.54 -32.17
N GLN A 317 10.38 -14.59 -32.84
CA GLN A 317 11.52 -14.87 -33.79
C GLN A 317 12.65 -15.60 -33.10
N LEU A 318 12.86 -15.27 -31.84
CA LEU A 318 13.90 -15.88 -31.06
C LEU A 318 13.44 -17.19 -30.43
N ARG A 319 12.19 -17.60 -30.71
CA ARG A 319 11.54 -18.79 -30.07
C ARG A 319 11.49 -18.68 -28.52
N LEU A 320 11.30 -17.46 -28.01
CA LEU A 320 11.27 -17.19 -26.57
C LEU A 320 9.90 -16.71 -26.10
N HIS A 321 8.94 -16.60 -27.04
CA HIS A 321 7.59 -16.08 -26.70
C HIS A 321 6.79 -17.02 -25.74
N ARG A 322 7.33 -18.20 -25.46
CA ARG A 322 6.66 -19.20 -24.59
C ARG A 322 7.68 -19.63 -23.55
N CYS A 323 8.67 -18.78 -23.33
CA CYS A 323 9.76 -19.07 -22.44
C CYS A 323 9.88 -17.95 -21.36
N VAL A 324 9.65 -16.69 -21.75
CA VAL A 324 9.91 -15.52 -20.87
C VAL A 324 8.64 -15.24 -20.04
N ASN A 325 8.76 -14.85 -18.76
CA ASN A 325 7.65 -14.20 -18.08
C ASN A 325 7.70 -12.66 -18.33
N VAL A 326 6.58 -12.09 -18.75
CA VAL A 326 6.44 -10.64 -18.97
C VAL A 326 5.49 -10.02 -17.94
N ILE A 327 5.92 -8.95 -17.27
CA ILE A 327 5.02 -8.16 -16.43
C ILE A 327 4.75 -6.79 -17.11
N PHE A 328 3.49 -6.42 -17.28
CA PHE A 328 3.10 -5.09 -17.79
C PHE A 328 2.53 -4.29 -16.61
N VAL A 329 3.17 -3.17 -16.23
CA VAL A 329 2.86 -2.61 -14.94
C VAL A 329 2.99 -1.09 -14.95
N GLY A 330 2.06 -0.38 -14.26
CA GLY A 330 2.15 1.09 -14.23
C GLY A 330 2.68 1.55 -12.89
N ASP A 331 3.10 2.82 -12.80
CA ASP A 331 3.43 3.36 -11.51
C ASP A 331 2.28 4.08 -10.83
N HIS A 332 1.37 4.76 -11.58
CA HIS A 332 0.23 5.50 -10.97
C HIS A 332 -0.70 5.90 -12.11
N GLY A 333 -1.91 6.38 -11.80
CA GLY A 333 -2.78 6.91 -12.89
C GLY A 333 -2.61 8.41 -13.09
N MET A 334 -3.72 9.09 -13.46
CA MET A 334 -3.70 10.50 -13.89
C MET A 334 -5.10 11.06 -13.71
N GLU A 335 -5.17 12.30 -13.18
CA GLU A 335 -6.45 13.01 -12.86
C GLU A 335 -6.58 14.32 -13.66
N ASP A 336 -7.81 14.82 -13.88
CA ASP A 336 -7.94 16.14 -14.52
C ASP A 336 -7.65 17.21 -13.51
N VAL A 337 -6.70 18.06 -13.83
CA VAL A 337 -6.29 19.13 -12.89
C VAL A 337 -5.91 20.32 -13.76
N THR A 338 -6.36 21.54 -13.41
CA THR A 338 -6.01 22.73 -14.19
C THR A 338 -5.64 23.90 -13.28
N CYS A 339 -4.89 24.88 -13.84
CA CYS A 339 -4.36 26.08 -13.13
C CYS A 339 -5.37 26.78 -12.26
N ASP A 340 -6.61 26.85 -12.71
CA ASP A 340 -7.64 27.58 -11.98
C ASP A 340 -8.17 26.85 -10.75
N ARG A 341 -7.95 25.53 -10.68
CA ARG A 341 -8.25 24.79 -9.47
C ARG A 341 -6.99 24.73 -8.58
N THR A 342 -6.54 25.91 -8.13
CA THR A 342 -5.43 26.06 -7.19
C THR A 342 -5.86 26.83 -5.94
N GLU A 343 -5.57 26.25 -4.77
CA GLU A 343 -5.73 26.90 -3.48
C GLU A 343 -4.39 27.60 -3.13
N PHE A 344 -4.47 28.81 -2.60
CA PHE A 344 -3.26 29.61 -2.29
C PHE A 344 -3.17 29.86 -0.80
N LEU A 345 -2.08 29.39 -0.21
CA LEU A 345 -1.85 29.55 1.22
C LEU A 345 -1.79 31.05 1.65
N SER A 346 -1.44 31.93 0.70
CA SER A 346 -1.47 33.39 0.91
C SER A 346 -2.90 33.89 1.20
N ASN A 347 -3.93 33.14 0.79
CA ASN A 347 -5.33 33.41 1.21
C ASN A 347 -5.70 32.95 2.63
N TYR A 348 -4.75 32.31 3.30
CA TYR A 348 -5.04 31.76 4.64
C TYR A 348 -4.13 32.33 5.67
N LEU A 349 -2.86 32.50 5.29
CA LEU A 349 -1.79 32.85 6.21
C LEU A 349 -1.33 34.31 5.98
N THR A 350 -1.22 35.06 7.08
CA THR A 350 -0.67 36.43 7.02
C THR A 350 0.87 36.36 6.96
N ASN A 351 1.45 35.26 7.44
CA ASN A 351 2.91 35.06 7.51
C ASN A 351 3.54 34.24 6.35
N VAL A 352 2.98 34.36 5.16
CA VAL A 352 3.33 33.46 4.07
C VAL A 352 4.84 33.42 3.64
N ASP A 353 5.59 34.48 3.92
CA ASP A 353 7.01 34.55 3.55
C ASP A 353 7.96 33.89 4.56
N ASP A 354 7.42 33.50 5.72
CA ASP A 354 8.14 32.65 6.69
C ASP A 354 8.11 31.11 6.45
N ILE A 355 7.42 30.62 5.41
CA ILE A 355 7.33 29.15 5.21
C ILE A 355 7.96 28.71 3.89
N THR A 356 8.41 27.44 3.84
CA THR A 356 8.74 26.73 2.62
C THR A 356 7.60 25.71 2.37
N LEU A 357 7.12 25.66 1.14
CA LEU A 357 6.08 24.72 0.75
C LEU A 357 6.55 23.89 -0.41
N VAL A 358 6.42 22.55 -0.28
CA VAL A 358 6.50 21.67 -1.46
C VAL A 358 5.08 21.65 -1.99
N PRO A 359 4.85 22.23 -3.19
CA PRO A 359 3.49 22.47 -3.66
C PRO A 359 2.91 21.32 -4.54
N GLY A 360 1.68 21.47 -5.04
CA GLY A 360 1.13 20.62 -6.10
C GLY A 360 -0.04 19.79 -5.60
N THR A 361 -0.01 18.48 -5.89
CA THR A 361 -1.11 17.55 -5.52
C THR A 361 -1.03 17.01 -4.06
N LEU A 362 0.04 17.43 -3.37
CA LEU A 362 0.24 17.35 -1.93
C LEU A 362 0.98 18.63 -1.44
N GLY A 363 0.93 18.85 -0.13
CA GLY A 363 1.56 20.00 0.49
C GLY A 363 2.47 19.50 1.58
N ARG A 364 3.74 19.89 1.53
CA ARG A 364 4.63 19.76 2.73
C ARG A 364 5.16 21.15 3.18
N ILE A 365 4.94 21.51 4.45
CA ILE A 365 5.33 22.84 4.97
C ILE A 365 6.45 22.72 6.02
N ARG A 366 7.49 23.56 5.93
CA ARG A 366 8.48 23.73 7.04
C ARG A 366 8.83 25.23 7.19
N ALA A 367 9.56 25.59 8.25
CA ALA A 367 10.03 26.99 8.41
C ALA A 367 10.97 27.35 7.29
N LYS A 368 10.80 28.55 6.75
CA LYS A 368 11.75 29.11 5.76
C LYS A 368 13.16 29.13 6.36
N SER A 369 13.26 29.54 7.61
CA SER A 369 14.51 29.61 8.33
C SER A 369 14.31 29.02 9.72
N ILE A 370 15.19 28.11 10.09
CA ILE A 370 15.15 27.45 11.42
C ILE A 370 15.64 28.37 12.59
N ASN A 371 16.13 29.55 12.22
CA ASN A 371 16.48 30.63 13.16
C ASN A 371 15.33 31.53 13.57
N ASN A 372 14.16 31.37 12.91
CA ASN A 372 12.93 32.08 13.26
C ASN A 372 12.19 31.45 14.46
N SER A 373 12.25 32.12 15.60
CA SER A 373 11.55 31.71 16.82
C SER A 373 10.03 31.99 16.86
N LYS A 374 9.53 32.74 15.85
CA LYS A 374 8.08 33.04 15.71
C LYS A 374 7.28 31.93 15.00
N TYR A 375 7.95 31.19 14.11
CA TYR A 375 7.35 30.01 13.45
C TYR A 375 6.77 29.05 14.50
N ASP A 376 5.45 28.96 14.54
CA ASP A 376 4.77 27.96 15.36
C ASP A 376 3.85 27.09 14.47
N PRO A 377 4.15 25.77 14.35
CA PRO A 377 3.30 24.80 13.62
C PRO A 377 1.82 24.85 14.01
N LYS A 378 1.55 24.83 15.32
CA LYS A 378 0.20 24.80 15.88
C LYS A 378 -0.72 25.87 15.32
N THR A 379 -0.24 27.11 15.25
CA THR A 379 -1.05 28.23 14.75
C THR A 379 -1.14 28.27 13.21
N ILE A 380 -0.11 27.78 12.52
CA ILE A 380 -0.21 27.53 11.08
C ILE A 380 -1.31 26.50 10.77
N ILE A 381 -1.29 25.35 11.46
CA ILE A 381 -2.32 24.32 11.32
C ILE A 381 -3.70 24.92 11.59
N ALA A 382 -3.81 25.74 12.64
CA ALA A 382 -5.11 26.35 13.09
C ALA A 382 -5.66 27.32 12.05
N ALA A 383 -4.76 28.11 11.49
CA ALA A 383 -5.10 29.06 10.42
C ALA A 383 -5.50 28.35 9.12
N LEU A 384 -5.21 27.06 8.99
CA LEU A 384 -5.52 26.25 7.77
C LEU A 384 -6.73 25.32 7.89
N THR A 385 -7.38 25.34 9.05
CA THR A 385 -8.39 24.35 9.38
C THR A 385 -9.82 24.81 9.16
N CYS A 386 -10.52 24.18 8.22
CA CYS A 386 -11.94 24.42 7.97
C CYS A 386 -12.24 25.97 7.92
N LYS A 387 -11.48 26.70 7.11
CA LYS A 387 -11.56 28.19 7.07
C LYS A 387 -12.51 28.70 6.01
N LYS A 388 -12.53 28.06 4.83
CA LYS A 388 -13.52 28.33 3.75
C LYS A 388 -14.50 27.15 3.64
N PRO A 389 -15.77 27.38 3.23
CA PRO A 389 -16.76 26.30 3.38
C PRO A 389 -16.53 25.04 2.50
N ASP A 390 -15.88 25.19 1.35
CA ASP A 390 -15.55 24.04 0.49
C ASP A 390 -14.06 23.88 0.24
N GLN A 391 -13.27 24.21 1.26
CA GLN A 391 -11.81 24.12 1.21
C GLN A 391 -11.36 22.82 0.51
N HIS A 392 -10.48 22.93 -0.48
CA HIS A 392 -10.03 21.80 -1.27
C HIS A 392 -8.73 21.11 -0.77
N PHE A 393 -8.37 21.29 0.50
CA PHE A 393 -7.26 20.57 1.15
C PHE A 393 -7.60 20.48 2.64
N LYS A 394 -6.90 19.57 3.33
CA LYS A 394 -7.00 19.45 4.77
C LYS A 394 -5.59 19.30 5.36
N PRO A 395 -5.27 20.14 6.39
CA PRO A 395 -3.98 20.09 7.11
C PRO A 395 -3.93 18.98 8.19
N TYR A 396 -2.74 18.38 8.35
CA TYR A 396 -2.48 17.36 9.37
C TYR A 396 -1.09 17.51 9.89
N MET A 397 -0.89 17.23 11.20
CA MET A 397 0.44 16.84 11.68
C MET A 397 0.64 15.45 11.07
N LYS A 398 1.88 15.11 10.64
CA LYS A 398 2.09 13.86 9.87
C LYS A 398 1.67 12.60 10.63
N GLN A 399 1.88 12.58 11.96
CA GLN A 399 1.42 11.44 12.82
C GLN A 399 -0.11 11.21 12.85
N HIS A 400 -0.88 12.22 12.45
CA HIS A 400 -2.33 12.11 12.39
C HIS A 400 -2.92 11.75 11.04
N LEU A 401 -2.07 11.63 10.00
CA LEU A 401 -2.57 11.15 8.72
C LEU A 401 -3.12 9.70 8.87
N PRO A 402 -4.14 9.33 8.07
CA PRO A 402 -4.61 7.89 8.03
C PRO A 402 -3.46 6.90 8.00
N LYS A 403 -3.51 5.91 8.89
CA LYS A 403 -2.34 5.04 9.08
C LYS A 403 -2.08 4.18 7.86
N ARG A 404 -3.13 4.02 7.02
CA ARG A 404 -3.01 3.22 5.80
C ARG A 404 -2.06 3.85 4.77
N LEU A 405 -1.77 5.18 4.88
CA LEU A 405 -0.80 5.83 4.02
C LEU A 405 0.65 5.55 4.38
N HIS A 406 0.89 5.09 5.61
CA HIS A 406 2.25 4.76 6.08
C HIS A 406 3.24 5.86 5.71
N TYR A 407 2.92 7.08 6.09
CA TYR A 407 3.68 8.23 5.56
C TYR A 407 4.02 9.21 6.69
N ALA A 408 4.91 8.79 7.56
CA ALA A 408 5.31 9.58 8.70
C ALA A 408 6.75 9.35 9.14
N ASN A 409 7.22 8.12 9.09
CA ASN A 409 8.48 7.77 9.78
C ASN A 409 9.73 8.02 8.93
N ASN A 410 9.97 9.27 8.56
CA ASN A 410 11.19 9.54 7.82
C ASN A 410 11.46 10.99 8.09
N ARG A 411 12.72 11.35 8.31
CA ARG A 411 13.05 12.79 8.63
C ARG A 411 12.90 13.72 7.38
N ARG A 412 12.83 13.13 6.19
CA ARG A 412 12.52 13.87 4.97
C ARG A 412 11.05 14.23 4.78
N ILE A 413 10.18 13.78 5.68
CA ILE A 413 8.74 14.12 5.60
C ILE A 413 8.49 15.20 6.65
N GLU A 414 8.07 16.37 6.19
CA GLU A 414 7.84 17.50 7.10
C GLU A 414 6.70 17.22 8.07
N ASP A 415 6.81 17.76 9.27
CA ASP A 415 5.74 17.67 10.29
C ASP A 415 4.36 18.08 9.82
N ILE A 416 4.26 19.12 8.97
CA ILE A 416 2.96 19.65 8.52
C ILE A 416 2.72 19.11 7.12
N HIS A 417 1.57 18.46 6.94
CA HIS A 417 1.23 17.91 5.64
C HIS A 417 -0.14 18.45 5.23
N LEU A 418 -0.31 18.71 3.93
CA LEU A 418 -1.67 18.96 3.35
C LEU A 418 -2.13 17.80 2.45
N LEU A 419 -3.22 17.13 2.79
CA LEU A 419 -3.85 16.22 1.82
C LEU A 419 -4.75 17.02 0.90
N VAL A 420 -4.45 17.05 -0.38
CA VAL A 420 -5.18 17.90 -1.40
C VAL A 420 -6.35 17.06 -2.02
N ASP A 421 -7.59 17.61 -2.14
CA ASP A 421 -8.65 16.94 -2.89
C ASP A 421 -8.27 16.63 -4.32
N ARG A 422 -8.73 15.47 -4.81
CA ARG A 422 -8.58 15.08 -6.19
C ARG A 422 -9.04 16.25 -7.08
N ARG A 423 -8.38 16.44 -8.21
CA ARG A 423 -8.69 17.46 -9.20
C ARG A 423 -8.09 18.85 -8.85
N TRP A 424 -7.51 19.00 -7.66
CA TRP A 424 -7.00 20.32 -7.14
C TRP A 424 -5.48 20.41 -6.95
N HIS A 425 -4.97 21.63 -6.84
CA HIS A 425 -3.57 21.89 -6.51
C HIS A 425 -3.51 22.82 -5.30
N VAL A 426 -2.40 22.80 -4.58
CA VAL A 426 -2.17 23.80 -3.56
C VAL A 426 -0.90 24.54 -3.96
N ALA A 427 -0.83 25.84 -3.68
CA ALA A 427 0.39 26.62 -3.94
C ALA A 427 0.56 27.73 -2.89
N ARG A 428 1.76 28.29 -2.79
CA ARG A 428 2.05 29.29 -1.73
C ARG A 428 1.38 30.65 -2.02
N LYS A 429 1.59 31.15 -3.25
CA LYS A 429 1.13 32.49 -3.71
C LYS A 429 0.77 32.41 -5.19
N PRO A 430 -0.20 33.24 -5.64
CA PRO A 430 -0.53 33.33 -7.07
C PRO A 430 0.67 33.43 -8.03
N LEU A 431 1.72 34.20 -7.68
CA LEU A 431 2.86 34.35 -8.61
C LEU A 431 3.66 33.06 -8.94
N ASP A 432 3.52 32.02 -8.10
CA ASP A 432 4.15 30.69 -8.31
C ASP A 432 3.53 29.93 -9.47
N VAL A 433 2.26 30.22 -9.73
CA VAL A 433 1.41 29.48 -10.67
C VAL A 433 1.38 30.06 -12.11
N TYR A 434 1.77 31.34 -12.27
CA TYR A 434 1.88 31.98 -13.61
C TYR A 434 3.31 32.44 -14.07
N LYS A 435 4.31 32.40 -13.17
CA LYS A 435 5.73 32.79 -13.45
C LYS A 435 6.75 31.60 -13.34
N LYS A 436 6.31 30.37 -13.65
CA LYS A 436 7.11 29.16 -13.33
C LYS A 436 8.31 28.91 -14.27
N CYS A 441 -2.95 28.46 -19.21
CA CYS A 441 -2.57 27.34 -18.34
C CYS A 441 -1.85 26.19 -19.05
N PHE A 442 -0.79 25.70 -18.41
CA PHE A 442 0.07 24.64 -18.95
C PHE A 442 -0.61 23.25 -18.97
N PHE A 443 -0.76 22.65 -17.80
CA PHE A 443 -1.13 21.23 -17.61
C PHE A 443 -2.65 21.04 -17.56
N GLN A 444 -3.16 19.92 -18.10
CA GLN A 444 -4.55 19.50 -17.84
C GLN A 444 -4.66 18.21 -16.99
N GLY A 445 -3.51 17.60 -16.67
CA GLY A 445 -3.51 16.37 -15.85
C GLY A 445 -2.43 16.41 -14.80
N ASP A 446 -2.66 15.82 -13.63
CA ASP A 446 -1.60 15.60 -12.65
C ASP A 446 -1.93 14.37 -11.76
N HIS A 447 -1.02 13.98 -10.89
CA HIS A 447 -1.21 12.80 -10.02
C HIS A 447 -0.43 13.12 -8.76
N GLY A 448 -0.60 12.32 -7.70
CA GLY A 448 0.10 12.54 -6.42
C GLY A 448 -0.86 12.35 -5.25
N PHE A 449 -2.17 12.46 -5.52
CA PHE A 449 -3.25 12.33 -4.49
C PHE A 449 -3.24 11.00 -3.70
N ASP A 450 -4.00 11.00 -2.61
CA ASP A 450 -4.37 9.88 -1.79
C ASP A 450 -4.48 8.58 -2.69
N ASN A 451 -3.77 7.52 -2.31
CA ASN A 451 -3.64 6.32 -3.17
C ASN A 451 -4.85 5.42 -3.25
N LYS A 452 -5.90 5.71 -2.48
CA LYS A 452 -7.21 5.06 -2.71
C LYS A 452 -8.10 5.71 -3.77
N VAL A 453 -7.73 6.91 -4.21
CA VAL A 453 -8.53 7.68 -5.24
C VAL A 453 -8.54 6.92 -6.54
N ASN A 454 -9.74 6.76 -7.12
CA ASN A 454 -9.90 5.94 -8.34
C ASN A 454 -9.04 6.35 -9.52
N SER A 455 -8.96 7.66 -9.79
CA SER A 455 -8.12 8.12 -10.91
C SER A 455 -6.61 7.81 -10.77
N MET A 456 -6.14 7.55 -9.54
CA MET A 456 -4.72 7.22 -9.30
C MET A 456 -4.43 5.71 -9.50
N GLN A 457 -5.46 4.89 -9.60
CA GLN A 457 -5.19 3.42 -9.76
C GLN A 457 -4.45 3.11 -11.05
N THR A 458 -3.66 2.04 -11.04
CA THR A 458 -2.85 1.71 -12.18
C THR A 458 -3.06 0.22 -12.63
N VAL A 459 -2.12 -0.35 -13.41
CA VAL A 459 -2.35 -1.65 -14.07
C VAL A 459 -1.38 -2.73 -13.63
N PHE A 460 -1.86 -3.98 -13.68
CA PHE A 460 -0.98 -5.14 -13.63
C PHE A 460 -1.47 -6.27 -14.55
N VAL A 461 -0.55 -6.80 -15.40
CA VAL A 461 -0.77 -8.02 -16.19
C VAL A 461 0.52 -8.86 -16.08
N GLY A 462 0.37 -10.18 -15.86
CA GLY A 462 1.51 -11.10 -15.92
C GLY A 462 1.22 -12.18 -16.96
N TYR A 463 2.21 -12.46 -17.81
CA TYR A 463 2.05 -13.39 -18.94
C TYR A 463 3.32 -14.22 -19.09
N GLY A 464 3.17 -15.55 -19.10
CA GLY A 464 4.34 -16.42 -19.20
C GLY A 464 4.04 -17.78 -18.63
N PRO A 465 5.04 -18.69 -18.64
CA PRO A 465 4.88 -20.00 -17.99
C PRO A 465 4.62 -20.01 -16.49
N THR A 466 5.14 -19.05 -15.73
CA THR A 466 4.99 -19.11 -14.26
C THR A 466 3.65 -18.47 -13.79
N PHE A 467 3.07 -17.62 -14.63
CA PHE A 467 1.75 -17.03 -14.35
C PHE A 467 0.60 -17.96 -14.73
N LYS A 468 -0.57 -17.79 -14.11
CA LYS A 468 -1.79 -18.51 -14.48
C LYS A 468 -2.29 -18.12 -15.88
N TYR A 469 -3.09 -19.00 -16.43
CA TYR A 469 -3.68 -18.83 -17.75
C TYR A 469 -5.12 -18.25 -17.66
N ARG A 470 -5.46 -17.23 -18.46
CA ARG A 470 -6.82 -16.61 -18.47
C ARG A 470 -7.50 -16.41 -17.10
N THR A 471 -6.77 -15.83 -16.14
CA THR A 471 -7.21 -15.69 -14.76
C THR A 471 -7.31 -14.21 -14.35
N LYS A 472 -8.40 -13.86 -13.70
CA LYS A 472 -8.56 -12.55 -13.09
C LYS A 472 -8.31 -12.72 -11.60
N VAL A 473 -7.51 -11.82 -11.04
CA VAL A 473 -7.25 -11.79 -9.60
C VAL A 473 -7.80 -10.45 -9.04
N PRO A 474 -8.15 -10.41 -7.74
CA PRO A 474 -8.67 -9.18 -7.19
C PRO A 474 -7.57 -8.10 -7.14
N PRO A 475 -7.96 -6.82 -7.08
CA PRO A 475 -6.96 -5.73 -6.94
C PRO A 475 -6.00 -5.91 -5.76
N PHE A 476 -4.73 -5.56 -5.93
CA PHE A 476 -3.76 -5.67 -4.82
C PHE A 476 -2.79 -4.45 -4.84
N GLU A 477 -1.92 -4.30 -3.85
CA GLU A 477 -1.04 -3.11 -3.70
C GLU A 477 0.30 -3.43 -4.35
N ASN A 478 0.93 -2.40 -4.92
CA ASN A 478 2.19 -2.59 -5.62
C ASN A 478 3.35 -2.99 -4.69
N ILE A 479 3.22 -2.73 -3.38
CA ILE A 479 4.24 -3.18 -2.40
C ILE A 479 4.45 -4.71 -2.35
N GLU A 480 3.46 -5.48 -2.80
CA GLU A 480 3.51 -6.96 -2.91
C GLU A 480 4.34 -7.56 -4.07
N LEU A 481 4.62 -6.77 -5.11
CA LEU A 481 5.25 -7.32 -6.33
C LEU A 481 6.68 -7.73 -6.25
N TYR A 482 7.50 -6.97 -5.51
CA TYR A 482 8.92 -7.31 -5.36
C TYR A 482 9.10 -8.79 -4.91
N ASN A 483 8.26 -9.24 -3.96
CA ASN A 483 8.31 -10.64 -3.46
C ASN A 483 8.02 -11.61 -4.63
N VAL A 484 7.03 -11.29 -5.46
CA VAL A 484 6.64 -12.15 -6.61
C VAL A 484 7.73 -12.13 -7.71
N MET A 485 8.42 -11.02 -7.86
CA MET A 485 9.53 -10.92 -8.85
C MET A 485 10.73 -11.75 -8.38
N CYS A 486 10.99 -11.74 -7.07
CA CYS A 486 12.00 -12.61 -6.43
C CYS A 486 11.58 -14.11 -6.61
N ASP A 487 10.32 -14.47 -6.29
CA ASP A 487 9.76 -15.84 -6.60
C ASP A 487 9.99 -16.25 -8.05
N LEU A 488 9.77 -15.34 -8.99
CA LEU A 488 9.91 -15.63 -10.43
C LEU A 488 11.35 -15.90 -10.83
N LEU A 489 12.30 -15.39 -10.05
CA LEU A 489 13.71 -15.50 -10.34
C LEU A 489 14.49 -16.53 -9.45
N GLY A 490 13.80 -17.18 -8.49
CA GLY A 490 14.39 -18.06 -7.46
C GLY A 490 15.25 -17.31 -6.45
N LEU A 491 14.92 -16.05 -6.14
CA LEU A 491 15.65 -15.25 -5.16
C LEU A 491 14.93 -15.19 -3.80
N LYS A 492 15.72 -15.04 -2.74
CA LYS A 492 15.22 -14.73 -1.41
C LYS A 492 15.09 -13.19 -1.31
N PRO A 493 13.87 -12.66 -1.02
CA PRO A 493 13.69 -11.20 -0.98
C PRO A 493 14.38 -10.61 0.23
N ALA A 494 14.94 -9.38 0.13
CA ALA A 494 15.41 -8.65 1.31
C ALA A 494 14.14 -8.30 2.16
N PRO A 495 14.28 -8.01 3.48
CA PRO A 495 13.08 -7.74 4.29
C PRO A 495 12.28 -6.56 3.75
N ASN A 496 10.96 -6.73 3.61
CA ASN A 496 10.18 -5.71 2.93
C ASN A 496 8.75 -5.61 3.45
N ASN A 497 7.93 -4.75 2.83
CA ASN A 497 6.58 -4.49 3.42
C ASN A 497 5.45 -5.33 2.78
N GLY A 498 5.80 -6.07 1.72
CA GLY A 498 4.90 -7.12 1.17
C GLY A 498 4.52 -8.16 2.22
N THR A 499 3.52 -8.98 1.93
CA THR A 499 3.22 -10.12 2.81
C THR A 499 3.41 -11.33 1.91
N HIS A 500 4.55 -11.98 2.06
CA HIS A 500 5.03 -12.98 1.14
C HIS A 500 4.11 -14.23 1.14
N GLY A 501 3.50 -14.51 -0.01
CA GLY A 501 2.47 -15.57 -0.12
C GLY A 501 1.07 -15.02 -0.35
N SER A 502 0.86 -13.72 -0.08
CA SER A 502 -0.47 -13.16 -0.38
C SER A 502 -0.79 -13.07 -1.88
N LEU A 503 0.21 -13.14 -2.74
CA LEU A 503 -0.08 -13.15 -4.19
C LEU A 503 0.19 -14.52 -4.82
N ASN A 504 0.21 -15.56 -3.97
CA ASN A 504 0.39 -16.96 -4.47
C ASN A 504 -0.66 -17.33 -5.55
N HIS A 505 -1.87 -16.80 -5.41
CA HIS A 505 -2.97 -17.06 -6.39
C HIS A 505 -2.75 -16.50 -7.82
N LEU A 506 -1.65 -15.79 -8.06
CA LEU A 506 -1.33 -15.31 -9.41
C LEU A 506 -0.48 -16.33 -10.17
N LEU A 507 0.10 -17.28 -9.43
CA LEU A 507 1.20 -18.11 -9.94
C LEU A 507 0.75 -19.55 -10.18
N ARG A 508 1.21 -20.10 -11.29
CA ARG A 508 1.08 -21.53 -11.59
C ARG A 508 2.00 -22.40 -10.72
N THR A 509 3.26 -22.01 -10.52
CA THR A 509 4.20 -22.64 -9.57
C THR A 509 5.16 -21.60 -9.01
N ASN A 510 6.22 -22.02 -8.31
CA ASN A 510 7.18 -21.11 -7.57
C ASN A 510 6.46 -20.35 -6.44
N THR A 511 5.34 -20.91 -5.98
CA THR A 511 4.60 -20.24 -4.93
C THR A 511 5.52 -20.24 -3.66
N PHE A 512 5.28 -19.33 -2.73
CA PHE A 512 6.09 -19.33 -1.51
C PHE A 512 5.20 -19.79 -0.39
N ARG A 513 5.66 -20.77 0.38
CA ARG A 513 4.76 -21.33 1.39
C ARG A 513 5.08 -20.91 2.83
N PRO A 514 4.55 -19.77 3.30
CA PRO A 514 5.03 -19.44 4.64
C PRO A 514 4.32 -20.19 5.74
N THR A 515 4.89 -20.15 6.94
CA THR A 515 4.27 -20.72 8.14
C THR A 515 3.80 -19.57 9.06
N MET A 516 2.73 -19.81 9.85
CA MET A 516 2.22 -18.81 10.80
C MET A 516 3.29 -18.47 11.84
N PRO A 517 3.42 -17.18 12.20
CA PRO A 517 4.46 -16.94 13.22
C PRO A 517 4.12 -17.62 14.55
N ASP A 518 5.15 -18.10 15.27
CA ASP A 518 4.93 -18.75 16.57
C ASP A 518 4.40 -17.79 17.62
N GLU A 519 3.45 -18.27 18.43
CA GLU A 519 2.98 -17.52 19.62
C GLU A 519 4.13 -17.41 20.64
N VAL A 520 4.44 -16.20 21.09
CA VAL A 520 5.49 -15.98 22.05
C VAL A 520 5.00 -16.05 23.49
N SER A 521 3.85 -15.43 23.78
CA SER A 521 3.31 -15.43 25.17
C SER A 521 2.08 -16.26 25.27
N ARG A 522 2.04 -17.17 26.23
CA ARG A 522 0.82 -17.92 26.45
C ARG A 522 -0.10 -17.30 27.49
N PRO A 523 -1.41 -17.35 27.25
CA PRO A 523 -2.35 -16.70 28.13
C PRO A 523 -2.50 -17.42 29.49
N ASN A 524 -2.71 -16.65 30.55
CA ASN A 524 -3.30 -17.16 31.78
C ASN A 524 -4.82 -17.27 31.65
N TYR A 525 -5.42 -18.16 32.42
CA TYR A 525 -6.87 -18.27 32.46
C TYR A 525 -7.37 -18.10 33.88
N PRO A 526 -7.41 -16.85 34.39
CA PRO A 526 -7.69 -16.71 35.85
C PRO A 526 -9.13 -17.10 36.26
N GLY A 527 -9.25 -17.72 37.44
CA GLY A 527 -10.57 -17.94 38.07
C GLY A 527 -10.88 -16.79 39.02
N ILE A 528 -11.89 -17.01 39.87
CA ILE A 528 -12.31 -16.02 40.87
C ILE A 528 -11.28 -15.98 42.04
N MET A 529 -10.56 -14.87 42.21
CA MET A 529 -9.42 -14.83 43.14
C MET A 529 -9.41 -13.60 44.03
N TYR A 530 -10.38 -12.69 43.88
CA TYR A 530 -10.41 -11.41 44.66
C TYR A 530 -11.81 -11.14 45.21
N LEU A 531 -11.91 -10.57 46.41
CA LEU A 531 -13.21 -10.11 46.95
C LEU A 531 -13.43 -8.63 46.63
N GLN A 532 -14.70 -8.27 46.43
CA GLN A 532 -15.16 -6.93 46.14
C GLN A 532 -14.49 -5.86 47.04
N SER A 533 -14.49 -6.05 48.35
CA SER A 533 -13.90 -5.07 49.27
C SER A 533 -12.37 -4.88 49.13
N GLU A 534 -11.66 -5.78 48.41
CA GLU A 534 -10.21 -5.50 48.08
C GLU A 534 -10.00 -4.33 47.09
N PHE A 535 -11.07 -3.87 46.46
CA PHE A 535 -11.00 -2.79 45.46
C PHE A 535 -11.40 -1.43 46.02
N ASP A 536 -10.72 -0.38 45.56
CA ASP A 536 -11.14 0.97 45.88
C ASP A 536 -11.13 1.82 44.61
N LEU A 537 -12.19 1.67 43.83
CA LEU A 537 -12.25 2.18 42.47
C LEU A 537 -12.83 3.56 42.40
N GLY A 538 -13.53 3.95 43.47
CA GLY A 538 -14.19 5.25 43.58
C GLY A 538 -15.24 5.48 42.53
N CYS A 539 -15.96 4.45 42.12
CA CYS A 539 -16.98 4.64 41.12
C CYS A 539 -18.32 5.04 41.73
N THR A 540 -18.90 4.13 42.52
CA THR A 540 -20.34 4.10 42.90
C THR A 540 -21.20 3.33 41.86
N CYS A 541 -21.03 2.01 41.78
CA CYS A 541 -21.96 1.17 41.02
C CYS A 541 -23.16 0.61 41.85
N ASP A 542 -24.35 0.68 41.24
CA ASP A 542 -25.56 -0.04 41.67
C ASP A 542 -25.61 -1.41 40.93
N ASP A 543 -25.55 -2.50 41.71
CA ASP A 543 -25.35 -3.86 41.16
C ASP A 543 -25.75 -4.99 42.12
N LYS A 544 -26.59 -4.64 43.11
CA LYS A 544 -26.84 -5.51 44.29
C LYS A 544 -27.84 -6.68 44.05
N VAL A 545 -28.46 -6.68 42.85
CA VAL A 545 -29.52 -7.65 42.43
C VAL A 545 -28.98 -9.11 42.29
N GLU A 546 -29.64 -10.07 42.98
CA GLU A 546 -29.13 -11.47 43.17
C GLU A 546 -28.86 -12.35 41.92
N ASN A 549 -30.28 -18.00 42.73
CA ASN A 549 -30.89 -18.87 41.75
C ASN A 549 -29.96 -19.98 41.26
N LYS A 550 -30.47 -21.23 41.31
CA LYS A 550 -29.70 -22.45 41.01
C LYS A 550 -29.47 -22.78 39.50
N LEU A 551 -30.50 -22.56 38.66
CA LEU A 551 -30.43 -22.91 37.20
C LEU A 551 -29.53 -21.93 36.43
N GLU A 552 -29.83 -20.64 36.64
CA GLU A 552 -29.06 -19.49 36.14
C GLU A 552 -27.56 -19.42 36.59
N GLU A 553 -27.25 -19.98 37.76
CA GLU A 553 -25.88 -19.93 38.32
C GLU A 553 -24.90 -21.04 37.91
N LEU A 554 -25.42 -22.21 37.50
CA LEU A 554 -24.56 -23.19 36.78
C LEU A 554 -24.31 -22.69 35.32
N ASN A 555 -25.28 -21.90 34.83
CA ASN A 555 -25.24 -21.31 33.49
C ASN A 555 -24.40 -20.03 33.33
N LYS A 556 -24.43 -19.14 34.33
CA LYS A 556 -23.53 -17.98 34.35
C LYS A 556 -22.06 -18.41 34.69
N ARG A 557 -21.93 -19.50 35.46
CA ARG A 557 -20.64 -20.19 35.70
C ARG A 557 -19.95 -20.69 34.43
N LEU A 558 -20.63 -21.56 33.65
CA LEU A 558 -20.10 -22.09 32.38
C LEU A 558 -19.78 -20.99 31.32
N HIS A 559 -20.54 -19.88 31.39
CA HIS A 559 -20.29 -18.67 30.58
C HIS A 559 -18.96 -18.00 30.93
N THR A 560 -18.60 -18.04 32.23
CA THR A 560 -17.27 -17.62 32.74
C THR A 560 -16.15 -18.66 32.44
N LYS A 561 -16.53 -19.88 32.01
CA LYS A 561 -15.57 -20.95 31.70
C LYS A 561 -15.47 -21.26 30.19
N GLY A 562 -16.36 -20.70 29.37
CA GLY A 562 -16.21 -20.70 27.90
C GLY A 562 -17.22 -21.35 26.97
N SER A 563 -18.48 -21.48 27.39
CA SER A 563 -19.51 -22.19 26.59
C SER A 563 -20.03 -21.48 25.31
N THR A 564 -20.22 -20.15 25.37
CA THR A 564 -20.53 -19.37 24.16
C THR A 564 -19.27 -18.88 23.38
N LYS A 565 -18.07 -19.31 23.80
CA LYS A 565 -16.81 -18.89 23.12
C LYS A 565 -16.76 -19.26 21.63
N GLU A 566 -17.46 -20.34 21.26
CA GLU A 566 -17.52 -20.84 19.88
C GLU A 566 -18.25 -19.84 18.98
N ARG A 567 -19.18 -19.11 19.60
CA ARG A 567 -20.01 -18.10 18.97
C ARG A 567 -19.21 -16.77 18.81
N HIS A 568 -18.42 -16.41 19.81
CA HIS A 568 -17.85 -15.08 19.86
C HIS A 568 -16.41 -14.99 19.39
N LEU A 569 -15.73 -16.12 19.38
CA LEU A 569 -14.37 -16.24 18.89
C LEU A 569 -14.29 -17.23 17.72
N LEU A 570 -14.60 -16.73 16.53
CA LEU A 570 -14.89 -17.60 15.37
C LEU A 570 -13.68 -18.13 14.64
N TYR A 571 -12.52 -17.47 14.79
CA TYR A 571 -11.35 -17.81 13.96
C TYR A 571 -10.16 -18.10 14.85
N GLY A 572 -10.45 -18.48 16.10
CA GLY A 572 -9.36 -18.81 17.00
C GLY A 572 -8.96 -17.55 17.78
N ARG A 573 -8.29 -17.72 18.91
CA ARG A 573 -7.76 -16.56 19.57
C ARG A 573 -6.55 -16.02 18.81
N PRO A 574 -6.43 -14.66 18.79
CA PRO A 574 -5.25 -14.03 18.21
C PRO A 574 -4.03 -14.51 18.94
N ALA A 575 -2.95 -14.76 18.22
CA ALA A 575 -1.69 -15.07 18.92
C ALA A 575 -0.95 -13.77 19.26
N VAL A 576 -0.34 -13.71 20.45
CA VAL A 576 0.50 -12.60 20.92
C VAL A 576 1.98 -12.94 20.59
N LEU A 577 2.62 -12.08 19.78
CA LEU A 577 3.93 -12.38 19.18
C LEU A 577 5.09 -11.65 19.90
N TYR A 578 4.89 -11.20 21.13
CA TYR A 578 5.95 -10.56 21.88
C TYR A 578 5.81 -11.04 23.32
N ARG A 579 6.77 -10.66 24.17
CA ARG A 579 6.83 -11.16 25.55
C ARG A 579 5.98 -10.28 26.45
N THR A 580 4.94 -10.85 27.05
CA THR A 580 4.09 -10.07 27.94
C THR A 580 3.25 -10.93 28.87
N SER A 581 2.48 -10.28 29.71
CA SER A 581 1.72 -11.01 30.70
C SER A 581 0.23 -10.68 30.48
N TYR A 582 -0.57 -11.69 30.13
CA TYR A 582 -1.98 -11.39 29.80
C TYR A 582 -2.97 -12.52 30.12
N ASP A 583 -4.26 -12.14 30.28
CA ASP A 583 -5.32 -13.07 30.72
C ASP A 583 -6.43 -13.25 29.71
N ILE A 584 -6.88 -14.47 29.46
CA ILE A 584 -8.15 -14.66 28.73
C ILE A 584 -9.33 -14.54 29.66
N LEU A 585 -10.32 -13.69 29.30
CA LEU A 585 -11.53 -13.45 30.10
C LEU A 585 -12.76 -13.82 29.27
N TYR A 586 -13.52 -14.78 29.78
CA TYR A 586 -14.78 -15.25 29.11
C TYR A 586 -16.04 -14.57 29.67
N HIS A 587 -17.03 -14.30 28.81
CA HIS A 587 -18.31 -13.72 29.25
C HIS A 587 -19.37 -14.26 28.28
N THR A 588 -20.64 -14.14 28.68
CA THR A 588 -21.81 -14.53 27.85
C THR A 588 -21.73 -13.92 26.45
N ASP A 589 -21.42 -12.63 26.39
CA ASP A 589 -21.50 -11.90 25.09
C ASP A 589 -20.18 -11.62 24.34
N PHE A 590 -19.02 -11.84 24.99
CA PHE A 590 -17.69 -11.46 24.46
C PHE A 590 -16.56 -12.12 25.18
N GLU A 591 -15.43 -12.24 24.50
CA GLU A 591 -14.21 -12.78 25.07
C GLU A 591 -13.11 -11.71 24.90
N SER A 592 -12.17 -11.61 25.83
CA SER A 592 -11.04 -10.67 25.69
C SER A 592 -9.68 -11.24 26.12
N GLY A 593 -8.62 -10.56 25.67
CA GLY A 593 -7.25 -10.88 26.06
C GLY A 593 -6.80 -9.64 26.81
N TYR A 594 -6.69 -9.75 28.13
CA TYR A 594 -6.54 -8.61 29.02
C TYR A 594 -5.06 -8.46 29.40
N SER A 595 -4.49 -7.28 29.13
CA SER A 595 -3.07 -7.09 29.44
C SER A 595 -2.92 -6.57 30.87
N GLU A 596 -2.14 -7.30 31.68
CA GLU A 596 -1.80 -6.81 33.06
C GLU A 596 -0.82 -5.66 33.05
N ILE A 597 -0.13 -5.49 31.91
CA ILE A 597 0.88 -4.48 31.75
C ILE A 597 0.23 -3.14 31.34
N PHE A 598 -0.69 -3.17 30.36
CA PHE A 598 -1.30 -1.97 29.85
C PHE A 598 -2.66 -1.68 30.54
N LEU A 599 -3.09 -2.58 31.39
CA LEU A 599 -4.30 -2.42 32.24
C LEU A 599 -5.62 -2.35 31.47
N MET A 600 -5.67 -3.06 30.33
CA MET A 600 -6.85 -3.02 29.44
C MET A 600 -6.71 -4.18 28.46
N PRO A 601 -7.78 -4.53 27.71
CA PRO A 601 -7.67 -5.55 26.69
C PRO A 601 -6.74 -5.13 25.53
N LEU A 602 -6.01 -6.11 25.01
CA LEU A 602 -5.29 -6.01 23.73
C LEU A 602 -6.28 -6.22 22.57
N TRP A 603 -7.32 -7.01 22.86
CA TRP A 603 -8.34 -7.40 21.89
C TRP A 603 -9.58 -7.82 22.63
N THR A 604 -10.74 -7.54 22.01
CA THR A 604 -12.08 -7.92 22.52
C THR A 604 -12.86 -8.44 21.30
N SER A 605 -13.33 -9.68 21.39
CA SER A 605 -14.02 -10.37 20.26
C SER A 605 -15.47 -10.66 20.59
N TYR A 606 -16.40 -10.39 19.66
CA TYR A 606 -17.83 -10.68 19.85
C TYR A 606 -18.58 -10.81 18.53
N THR A 607 -19.66 -11.59 18.52
CA THR A 607 -20.47 -11.77 17.32
C THR A 607 -21.87 -11.22 17.52
N ILE A 608 -22.35 -10.41 16.59
CA ILE A 608 -23.67 -9.79 16.57
C ILE A 608 -24.44 -10.38 15.41
N SER A 609 -25.51 -11.12 15.68
CA SER A 609 -26.24 -11.76 14.56
C SER A 609 -27.20 -10.75 13.92
N LYS A 610 -27.74 -11.13 12.77
CA LYS A 610 -28.70 -10.31 12.01
C LYS A 610 -29.97 -9.97 12.84
N GLN A 611 -30.38 -10.92 13.70
CA GLN A 611 -31.54 -10.81 14.61
C GLN A 611 -31.31 -9.98 15.89
N ALA A 612 -30.07 -9.60 16.17
CA ALA A 612 -29.75 -8.92 17.46
C ALA A 612 -30.56 -7.68 17.72
N GLU A 613 -30.95 -7.48 18.97
CA GLU A 613 -31.66 -6.28 19.48
C GLU A 613 -30.73 -5.22 20.11
N VAL A 614 -30.98 -3.94 19.82
CA VAL A 614 -30.32 -2.82 20.52
C VAL A 614 -31.22 -2.37 21.69
N SER A 615 -30.65 -2.38 22.88
CA SER A 615 -31.27 -1.81 24.08
C SER A 615 -30.49 -0.54 24.45
N SER A 616 -31.02 0.26 25.38
CA SER A 616 -30.33 1.49 25.79
C SER A 616 -29.56 1.28 27.11
N ILE A 617 -28.70 2.25 27.46
CA ILE A 617 -28.02 2.24 28.75
C ILE A 617 -28.97 2.68 29.88
N PRO A 618 -29.20 1.80 30.89
CA PRO A 618 -30.08 2.18 32.01
C PRO A 618 -29.32 3.00 33.09
N GLU A 619 -29.98 4.05 33.56
CA GLU A 619 -29.42 5.11 34.48
C GLU A 619 -28.88 4.59 35.82
N HIS A 620 -29.46 3.50 36.36
CA HIS A 620 -28.92 2.89 37.60
C HIS A 620 -27.42 2.50 37.48
N LEU A 621 -26.95 2.42 36.21
CA LEU A 621 -25.65 1.88 35.79
C LEU A 621 -24.70 2.84 35.04
N THR A 622 -25.16 4.06 34.73
CA THR A 622 -24.44 4.99 33.78
C THR A 622 -22.93 5.15 34.14
N ASN A 623 -22.67 5.64 35.36
CA ASN A 623 -21.31 5.80 35.93
C ASN A 623 -20.89 4.62 36.86
N CYS A 624 -21.68 3.55 36.80
CA CYS A 624 -21.34 2.27 37.40
C CYS A 624 -20.19 1.65 36.66
N VAL A 625 -19.18 1.20 37.40
CA VAL A 625 -18.11 0.41 36.85
C VAL A 625 -17.84 -0.60 37.97
N ARG A 626 -17.78 -1.89 37.62
CA ARG A 626 -17.66 -2.95 38.61
C ARG A 626 -16.26 -3.60 38.61
N PRO A 627 -15.74 -3.97 39.81
CA PRO A 627 -14.51 -4.79 39.90
C PRO A 627 -14.71 -6.12 39.22
N ASP A 628 -13.65 -6.58 38.55
CA ASP A 628 -13.60 -7.91 37.98
C ASP A 628 -12.85 -8.80 38.98
N VAL A 629 -13.59 -9.73 39.58
CA VAL A 629 -13.01 -10.57 40.65
C VAL A 629 -11.95 -11.59 40.18
N ARG A 630 -11.75 -11.70 38.86
CA ARG A 630 -10.66 -12.51 38.30
C ARG A 630 -9.31 -11.78 38.25
N VAL A 631 -9.31 -10.44 38.38
CA VAL A 631 -8.10 -9.63 38.11
C VAL A 631 -7.83 -8.69 39.30
N SER A 632 -6.57 -8.63 39.74
CA SER A 632 -6.18 -7.88 40.93
C SER A 632 -6.44 -6.37 40.83
N PRO A 633 -6.68 -5.74 41.99
CA PRO A 633 -6.82 -4.27 42.01
C PRO A 633 -5.57 -3.63 41.45
N GLY A 634 -4.40 -4.22 41.72
CA GLY A 634 -3.12 -3.76 41.20
C GLY A 634 -3.05 -3.69 39.67
N PHE A 635 -3.75 -4.59 38.99
CA PHE A 635 -3.68 -4.73 37.55
C PHE A 635 -4.98 -4.20 36.92
N SER A 636 -5.70 -3.35 37.64
CA SER A 636 -6.97 -2.80 37.17
C SER A 636 -6.90 -1.28 37.06
N GLN A 637 -7.79 -0.71 36.24
CA GLN A 637 -8.00 0.72 36.18
C GLN A 637 -8.82 1.14 37.39
N ASN A 638 -9.09 2.44 37.55
CA ASN A 638 -10.02 2.94 38.59
C ASN A 638 -10.84 4.13 38.07
N CYS A 639 -11.92 4.47 38.76
CA CYS A 639 -12.72 5.66 38.36
C CYS A 639 -12.14 6.98 38.82
N LEU A 640 -11.38 6.97 39.92
CA LEU A 640 -10.85 8.18 40.50
C LEU A 640 -9.91 8.95 39.55
N ALA A 641 -9.03 8.22 38.86
CA ALA A 641 -8.11 8.87 37.91
C ALA A 641 -8.88 9.60 36.79
N TYR A 642 -10.00 9.03 36.35
CA TYR A 642 -10.82 9.65 35.33
C TYR A 642 -11.54 10.90 35.83
N LYS A 643 -11.94 10.85 37.11
CA LYS A 643 -12.59 11.94 37.78
C LYS A 643 -11.60 13.11 37.93
N ASN A 644 -10.39 12.84 38.42
CA ASN A 644 -9.33 13.85 38.41
C ASN A 644 -8.86 14.33 37.04
N ASP A 645 -8.93 13.51 36.00
CA ASP A 645 -8.39 13.98 34.70
C ASP A 645 -9.48 14.77 34.01
N LYS A 646 -9.29 16.08 33.95
CA LYS A 646 -10.31 16.98 33.38
C LYS A 646 -10.51 16.83 31.86
N GLN A 647 -9.46 16.36 31.15
CA GLN A 647 -9.53 16.06 29.69
C GLN A 647 -10.07 14.66 29.35
N MET A 648 -9.81 13.66 30.19
CA MET A 648 -9.98 12.26 29.77
C MET A 648 -11.22 11.64 30.38
N SER A 649 -12.02 10.97 29.56
CA SER A 649 -13.16 10.20 30.05
C SER A 649 -12.88 8.72 29.69
N TYR A 650 -13.90 7.88 29.63
CA TYR A 650 -13.70 6.48 29.30
C TYR A 650 -14.86 5.93 28.50
N GLY A 651 -14.61 4.86 27.77
CA GLY A 651 -15.65 4.15 27.07
C GLY A 651 -15.43 2.67 27.29
N PHE A 652 -16.14 1.84 26.52
CA PHE A 652 -16.15 0.38 26.67
C PHE A 652 -15.82 -0.30 25.33
N LEU A 653 -15.08 -1.41 25.35
CA LEU A 653 -14.74 -2.07 24.12
C LEU A 653 -15.89 -2.96 23.63
N PHE A 654 -16.45 -3.77 24.52
CA PHE A 654 -17.67 -4.48 24.13
C PHE A 654 -18.79 -3.52 24.48
N PRO A 655 -19.66 -3.20 23.51
CA PRO A 655 -20.69 -2.19 23.69
C PRO A 655 -21.88 -2.67 24.56
N PRO A 656 -22.10 -2.01 25.71
CA PRO A 656 -23.22 -2.35 26.60
C PRO A 656 -24.56 -2.34 25.87
N TYR A 657 -24.71 -1.47 24.85
CA TYR A 657 -25.94 -1.37 24.04
C TYR A 657 -26.31 -2.67 23.39
N LEU A 658 -25.35 -3.58 23.23
CA LEU A 658 -25.65 -4.79 22.47
C LEU A 658 -25.70 -6.03 23.33
N SER A 659 -25.79 -5.86 24.64
CA SER A 659 -25.80 -7.03 25.53
C SER A 659 -27.06 -7.93 25.37
N SER A 660 -26.93 -9.23 25.57
CA SER A 660 -28.02 -10.17 25.14
C SER A 660 -29.25 -10.28 26.10
N SER A 661 -29.07 -9.90 27.36
CA SER A 661 -30.01 -10.09 28.47
C SER A 661 -29.51 -9.15 29.59
N PRO A 662 -30.40 -8.69 30.49
CA PRO A 662 -29.85 -7.72 31.47
C PRO A 662 -28.90 -8.28 32.56
N GLU A 663 -28.81 -9.62 32.67
CA GLU A 663 -27.80 -10.31 33.51
C GLU A 663 -26.41 -10.18 32.86
N ALA A 664 -26.35 -10.49 31.56
CA ALA A 664 -25.14 -10.26 30.73
C ALA A 664 -24.66 -8.76 30.65
N LYS A 665 -25.58 -7.80 30.76
CA LYS A 665 -25.27 -6.37 30.68
C LYS A 665 -24.33 -5.93 31.78
N TYR A 666 -24.37 -6.58 32.93
CA TYR A 666 -23.40 -6.34 34.00
C TYR A 666 -21.95 -6.63 33.62
N ASP A 667 -21.69 -7.69 32.84
CA ASP A 667 -20.32 -7.97 32.28
C ASP A 667 -19.76 -6.78 31.48
N ALA A 668 -20.63 -6.07 30.77
CA ALA A 668 -20.22 -4.91 29.96
C ALA A 668 -19.68 -3.78 30.82
N PHE A 669 -20.10 -3.73 32.07
CA PHE A 669 -19.63 -2.65 32.95
C PHE A 669 -18.45 -3.05 33.84
N LEU A 670 -17.85 -4.22 33.57
CA LEU A 670 -16.60 -4.59 34.27
C LEU A 670 -15.46 -3.59 34.05
N VAL A 671 -14.68 -3.33 35.08
CA VAL A 671 -13.53 -2.42 34.99
C VAL A 671 -12.55 -2.91 33.90
N THR A 672 -12.54 -4.23 33.64
CA THR A 672 -11.66 -4.85 32.65
C THR A 672 -12.17 -4.69 31.17
N ASN A 673 -13.37 -4.09 30.98
CA ASN A 673 -13.90 -3.77 29.63
C ASN A 673 -13.79 -2.26 29.27
N MET A 674 -13.22 -1.47 30.19
CA MET A 674 -13.12 0.01 30.14
C MET A 674 -11.80 0.46 29.49
N VAL A 675 -11.86 1.53 28.71
CA VAL A 675 -10.63 2.09 28.05
C VAL A 675 -10.67 3.64 28.11
N PRO A 676 -9.49 4.33 28.15
CA PRO A 676 -9.57 5.79 28.19
C PRO A 676 -9.98 6.40 26.84
N MET A 677 -10.94 7.33 26.90
CA MET A 677 -11.41 8.09 25.71
C MET A 677 -11.68 9.56 26.00
N TYR A 678 -11.13 10.40 25.14
CA TYR A 678 -11.41 11.83 25.11
C TYR A 678 -12.90 11.99 24.84
N PRO A 679 -13.59 12.96 25.50
CA PRO A 679 -15.03 13.17 25.16
C PRO A 679 -15.28 13.39 23.64
N ALA A 680 -14.38 14.10 22.96
CA ALA A 680 -14.61 14.29 21.51
C ALA A 680 -14.64 12.94 20.75
N PHE A 681 -13.71 12.03 21.09
CA PHE A 681 -13.69 10.68 20.50
C PHE A 681 -14.88 9.82 20.90
N LYS A 682 -15.32 9.98 22.14
CA LYS A 682 -16.52 9.26 22.59
C LYS A 682 -17.71 9.43 21.64
N ARG A 683 -17.87 10.63 21.06
CA ARG A 683 -18.97 10.83 20.09
C ARG A 683 -18.83 9.93 18.90
N VAL A 684 -17.59 9.75 18.40
CA VAL A 684 -17.36 8.85 17.25
C VAL A 684 -17.63 7.39 17.65
N TRP A 685 -17.00 6.97 18.77
CA TRP A 685 -17.10 5.58 19.24
C TRP A 685 -18.55 5.11 19.53
N ALA A 686 -19.29 5.94 20.28
CA ALA A 686 -20.73 5.68 20.57
C ALA A 686 -21.56 5.47 19.32
N TYR A 687 -21.37 6.34 18.34
CA TYR A 687 -22.13 6.22 17.09
C TYR A 687 -21.77 4.93 16.37
N PHE A 688 -20.46 4.63 16.22
CA PHE A 688 -20.02 3.31 15.75
C PHE A 688 -20.72 2.16 16.50
N GLN A 689 -20.63 2.18 17.82
CA GLN A 689 -21.17 1.06 18.62
C GLN A 689 -22.72 0.94 18.69
N ARG A 690 -23.39 2.08 18.85
CA ARG A 690 -24.89 2.14 18.94
C ARG A 690 -25.61 2.02 17.59
N VAL A 691 -25.07 2.65 16.52
CA VAL A 691 -25.70 2.67 15.19
C VAL A 691 -25.02 1.80 14.11
N LEU A 692 -23.72 1.97 13.91
CA LEU A 692 -23.04 1.27 12.81
C LEU A 692 -22.91 -0.27 12.92
N VAL A 693 -22.53 -0.80 14.10
CA VAL A 693 -22.45 -2.26 14.27
C VAL A 693 -23.75 -3.04 13.87
N LYS A 694 -24.90 -2.63 14.43
CA LYS A 694 -26.20 -3.23 14.08
C LYS A 694 -26.49 -3.10 12.59
N LYS A 695 -26.21 -1.92 12.06
CA LYS A 695 -26.38 -1.76 10.61
C LYS A 695 -25.53 -2.78 9.84
N TYR A 696 -24.24 -2.89 10.18
CA TYR A 696 -23.39 -3.85 9.44
C TYR A 696 -23.87 -5.29 9.59
N ALA A 697 -24.34 -5.66 10.78
CA ALA A 697 -24.96 -6.97 10.96
C ALA A 697 -26.23 -7.22 10.08
N SER A 698 -27.07 -6.20 9.89
CA SER A 698 -28.27 -6.30 9.01
C SER A 698 -27.89 -6.50 7.57
N GLU A 699 -26.92 -5.71 7.11
CA GLU A 699 -26.46 -5.76 5.74
C GLU A 699 -25.68 -7.02 5.41
N ARG A 700 -24.93 -7.55 6.38
CA ARG A 700 -23.92 -8.58 6.02
C ARG A 700 -24.31 -9.97 6.49
N ASN A 701 -25.47 -10.02 7.18
CA ASN A 701 -25.99 -11.23 7.79
C ASN A 701 -25.18 -11.76 8.99
N GLY A 702 -25.13 -10.94 10.05
CA GLY A 702 -24.18 -11.14 11.14
C GLY A 702 -22.79 -10.56 10.82
N VAL A 703 -22.15 -10.04 11.88
CA VAL A 703 -20.72 -9.70 11.86
C VAL A 703 -20.03 -10.21 13.13
N ASN A 704 -18.76 -10.60 12.99
CA ASN A 704 -17.92 -10.79 14.15
C ASN A 704 -16.98 -9.57 14.24
N VAL A 705 -16.89 -8.97 15.42
CA VAL A 705 -16.12 -7.72 15.61
C VAL A 705 -14.93 -8.03 16.54
N ILE A 706 -13.71 -7.62 16.18
CA ILE A 706 -12.62 -7.57 17.15
C ILE A 706 -12.10 -6.14 17.26
N SER A 707 -12.06 -5.63 18.49
CA SER A 707 -11.74 -4.22 18.78
C SER A 707 -10.65 -4.15 19.81
N GLY A 708 -9.86 -3.05 19.77
CA GLY A 708 -8.83 -2.87 20.80
C GLY A 708 -8.14 -1.51 20.65
N PRO A 709 -7.17 -1.23 21.53
CA PRO A 709 -6.35 -0.03 21.50
C PRO A 709 -5.05 -0.19 20.66
N ILE A 710 -4.50 0.92 20.14
CA ILE A 710 -3.18 0.92 19.51
C ILE A 710 -2.34 2.02 20.19
N PHE A 711 -1.05 1.77 20.37
CA PHE A 711 -0.11 2.78 20.91
C PHE A 711 1.02 2.91 19.90
N ASP A 712 0.99 3.98 19.11
CA ASP A 712 2.11 4.28 18.19
C ASP A 712 2.63 5.74 18.37
N TYR A 713 3.23 6.00 19.53
CA TYR A 713 3.72 7.38 19.87
C TYR A 713 4.91 7.86 19.00
N ASN A 714 5.67 6.91 18.47
CA ASN A 714 6.76 7.29 17.59
C ASN A 714 6.41 7.13 16.06
N TYR A 715 5.10 7.04 15.73
CA TYR A 715 4.55 6.93 14.37
C TYR A 715 5.46 6.12 13.40
N ASP A 716 5.97 5.01 13.91
CA ASP A 716 6.66 4.04 13.04
C ASP A 716 5.78 2.92 12.49
N GLY A 717 4.46 2.92 12.76
CA GLY A 717 3.55 1.81 12.27
C GLY A 717 3.68 0.48 12.99
N LEU A 718 4.42 0.49 14.10
CA LEU A 718 4.76 -0.73 14.85
C LEU A 718 4.35 -0.61 16.30
N ARG A 719 3.85 -1.72 16.87
CA ARG A 719 3.47 -1.72 18.31
C ARG A 719 4.49 -1.00 19.23
N ASP A 720 4.05 -0.06 20.08
CA ASP A 720 4.95 0.51 21.12
C ASP A 720 5.24 -0.48 22.25
N THR A 721 6.51 -0.52 22.69
CA THR A 721 6.80 -1.10 24.01
C THR A 721 6.31 -0.14 25.09
N GLU A 722 6.18 -0.69 26.29
CA GLU A 722 5.73 0.02 27.46
C GLU A 722 6.53 1.33 27.76
N ASP A 723 7.83 1.31 27.51
CA ASP A 723 8.63 2.51 27.74
C ASP A 723 8.57 3.56 26.61
N GLU A 724 7.71 3.37 25.60
CA GLU A 724 7.56 4.40 24.56
C GLU A 724 6.31 5.25 24.74
N ILE A 725 5.52 4.95 25.75
CA ILE A 725 4.21 5.59 25.94
C ILE A 725 4.45 6.97 26.51
N LYS A 726 3.94 8.00 25.84
CA LYS A 726 4.18 9.41 26.18
C LYS A 726 3.12 10.06 27.07
N GLN A 727 1.97 9.41 27.18
CA GLN A 727 0.84 9.97 27.90
C GLN A 727 0.09 8.92 28.73
N TYR A 728 -0.21 9.28 29.98
CA TYR A 728 -0.97 8.48 30.94
C TYR A 728 -2.19 9.25 31.45
N VAL A 729 -3.25 8.54 31.85
CA VAL A 729 -4.36 9.16 32.56
C VAL A 729 -3.80 9.78 33.86
N GLU A 730 -4.19 11.03 34.12
CA GLU A 730 -3.56 11.85 35.17
C GLU A 730 -3.52 11.11 36.49
N GLY A 731 -2.32 11.09 37.07
CA GLY A 731 -1.99 10.42 38.32
C GLY A 731 -2.23 8.92 38.38
N SER A 732 -1.99 8.19 37.28
CA SER A 732 -2.18 6.70 37.23
C SER A 732 -1.13 6.05 36.34
N SER A 733 -1.16 4.73 36.28
CA SER A 733 -0.34 3.97 35.35
C SER A 733 -1.11 3.56 34.09
N ILE A 734 -2.28 4.18 33.88
CA ILE A 734 -3.17 3.88 32.74
C ILE A 734 -2.69 4.58 31.44
N PRO A 735 -2.10 3.82 30.48
CA PRO A 735 -1.64 4.42 29.20
C PRO A 735 -2.80 4.84 28.27
N VAL A 736 -2.57 5.90 27.50
CA VAL A 736 -3.59 6.50 26.61
C VAL A 736 -3.27 5.99 25.19
N PRO A 737 -4.21 5.27 24.55
CA PRO A 737 -3.93 4.85 23.16
C PRO A 737 -3.88 6.02 22.17
N THR A 738 -3.03 5.88 21.15
CA THR A 738 -3.06 6.83 19.99
C THR A 738 -4.23 6.58 19.03
N HIS A 739 -4.70 5.33 18.98
CA HIS A 739 -5.72 4.90 18.03
C HIS A 739 -6.59 3.81 18.65
N TYR A 740 -7.78 3.59 18.05
CA TYR A 740 -8.67 2.41 18.33
C TYR A 740 -9.06 1.69 17.04
N TYR A 741 -8.95 0.37 17.05
CA TYR A 741 -9.14 -0.44 15.84
C TYR A 741 -10.38 -1.27 15.97
N SER A 742 -10.96 -1.64 14.84
CA SER A 742 -11.92 -2.77 14.77
C SER A 742 -11.76 -3.56 13.50
N ILE A 743 -11.98 -4.87 13.58
CA ILE A 743 -11.89 -5.78 12.44
C ILE A 743 -13.25 -6.46 12.38
N ILE A 744 -13.93 -6.26 11.25
CA ILE A 744 -15.33 -6.66 11.15
C ILE A 744 -15.44 -7.69 10.04
N THR A 745 -15.71 -8.94 10.39
CA THR A 745 -15.61 -10.08 9.49
C THR A 745 -16.98 -10.75 9.36
N SER A 746 -17.28 -11.27 8.16
CA SER A 746 -18.53 -11.96 7.84
C SER A 746 -18.33 -12.97 6.68
N CYS A 747 -19.35 -13.74 6.32
CA CYS A 747 -19.26 -14.71 5.23
C CYS A 747 -19.28 -14.05 3.84
N LEU A 748 -18.33 -14.37 2.93
CA LEU A 748 -18.35 -13.73 1.59
C LEU A 748 -19.67 -14.05 0.86
N ASP A 749 -20.11 -15.28 0.99
CA ASP A 749 -21.47 -15.63 0.57
C ASP A 749 -22.47 -15.19 1.66
N PHE A 750 -23.14 -14.06 1.47
CA PHE A 750 -23.93 -13.44 2.56
C PHE A 750 -25.30 -14.08 2.79
N THR A 751 -25.58 -15.17 2.08
CA THR A 751 -26.76 -16.00 2.37
C THR A 751 -26.52 -16.96 3.54
N GLN A 752 -25.27 -17.16 3.94
CA GLN A 752 -24.95 -17.87 5.20
C GLN A 752 -24.67 -16.84 6.30
N PRO A 753 -25.08 -17.13 7.56
CA PRO A 753 -24.76 -16.18 8.67
C PRO A 753 -23.26 -16.19 9.03
N ALA A 754 -22.73 -15.09 9.60
CA ALA A 754 -21.29 -15.03 9.93
C ALA A 754 -20.88 -16.20 10.84
N ASP A 755 -21.72 -16.56 11.80
CA ASP A 755 -21.37 -17.68 12.68
C ASP A 755 -21.52 -19.12 12.11
N LYS A 756 -22.00 -19.29 10.87
CA LYS A 756 -21.99 -20.62 10.23
C LYS A 756 -21.60 -20.48 8.77
N CYS A 757 -20.40 -19.96 8.53
CA CYS A 757 -19.98 -19.69 7.16
C CYS A 757 -19.20 -20.89 6.63
N ASP A 758 -19.49 -21.34 5.42
CA ASP A 758 -18.84 -22.56 4.90
C ASP A 758 -17.60 -22.31 4.04
N GLY A 759 -17.44 -21.10 3.53
CA GLY A 759 -16.38 -20.81 2.55
C GLY A 759 -15.60 -19.54 2.88
N PRO A 760 -15.17 -18.81 1.82
CA PRO A 760 -14.40 -17.56 1.93
C PRO A 760 -15.04 -16.50 2.84
N LEU A 761 -14.20 -15.68 3.45
CA LEU A 761 -14.70 -14.64 4.35
C LEU A 761 -14.74 -13.24 3.70
N SER A 762 -15.45 -12.30 4.30
CA SER A 762 -15.37 -10.93 3.87
C SER A 762 -14.99 -10.03 5.08
N VAL A 763 -14.19 -8.97 4.85
CA VAL A 763 -13.62 -8.17 5.97
C VAL A 763 -13.54 -6.68 5.67
N SER A 764 -13.83 -5.85 6.66
CA SER A 764 -13.50 -4.42 6.61
C SER A 764 -12.97 -4.01 8.00
N SER A 765 -12.01 -3.09 8.04
CA SER A 765 -11.40 -2.68 9.28
C SER A 765 -11.12 -1.21 9.28
N PHE A 766 -10.83 -0.66 10.46
CA PHE A 766 -10.35 0.71 10.60
C PHE A 766 -9.40 0.92 11.76
N ILE A 767 -8.65 2.01 11.67
CA ILE A 767 -7.75 2.44 12.73
C ILE A 767 -8.10 3.90 12.98
N LEU A 768 -8.90 4.18 13.99
CA LEU A 768 -9.42 5.53 14.20
C LEU A 768 -8.44 6.29 15.06
N PRO A 769 -8.03 7.52 14.64
CA PRO A 769 -7.17 8.30 15.58
C PRO A 769 -7.92 8.78 16.82
N HIS A 770 -7.26 8.60 17.98
CA HIS A 770 -7.87 8.93 19.26
C HIS A 770 -7.49 10.40 19.59
N ARG A 771 -8.33 11.32 19.19
CA ARG A 771 -7.93 12.76 19.20
C ARG A 771 -8.83 13.55 20.17
N PRO A 772 -8.26 14.59 20.83
CA PRO A 772 -9.04 15.36 21.84
C PRO A 772 -10.07 16.29 21.21
N ASP A 773 -9.98 16.51 19.90
CA ASP A 773 -10.99 17.31 19.23
C ASP A 773 -11.45 16.59 17.94
N ASN A 774 -12.51 17.10 17.31
CA ASN A 774 -12.85 16.67 15.98
C ASN A 774 -12.58 17.73 14.92
N ASP A 775 -11.46 18.44 15.04
CA ASP A 775 -11.09 19.45 14.05
C ASP A 775 -10.89 18.86 12.66
N GLU A 776 -10.59 17.54 12.60
CA GLU A 776 -10.41 16.83 11.34
C GLU A 776 -11.69 16.81 10.50
N SER A 777 -12.84 16.75 11.17
CA SER A 777 -14.13 16.76 10.50
C SER A 777 -14.76 18.16 10.57
N CYS A 778 -14.78 18.85 9.42
CA CYS A 778 -15.31 20.23 9.35
C CYS A 778 -16.79 20.41 9.72
N ASN A 779 -17.59 19.35 9.53
CA ASN A 779 -19.04 19.30 9.87
C ASN A 779 -19.42 18.71 11.23
N SER A 780 -18.46 18.60 12.17
CA SER A 780 -18.72 17.87 13.42
C SER A 780 -19.72 18.47 14.43
N SER A 781 -20.14 19.72 14.22
CA SER A 781 -21.18 20.30 15.07
C SER A 781 -22.57 19.77 14.71
N GLU A 782 -22.71 19.22 13.51
CA GLU A 782 -23.94 18.54 13.09
C GLU A 782 -24.06 17.17 13.77
N ASP A 783 -25.18 16.49 13.52
CA ASP A 783 -25.41 15.17 14.02
C ASP A 783 -24.41 14.13 13.44
N GLU A 784 -24.03 13.15 14.25
CA GLU A 784 -23.01 12.12 13.92
C GLU A 784 -23.33 11.37 12.62
N SER A 785 -24.61 11.25 12.27
CA SER A 785 -24.97 10.58 11.01
C SER A 785 -24.61 11.40 9.77
N LYS A 786 -24.17 12.64 9.97
CA LYS A 786 -23.65 13.48 8.87
C LYS A 786 -22.11 13.47 8.73
N TRP A 787 -21.36 12.83 9.64
CA TRP A 787 -19.89 12.92 9.57
C TRP A 787 -19.10 11.75 10.11
N VAL A 788 -19.69 10.96 11.00
CA VAL A 788 -18.90 9.93 11.66
C VAL A 788 -18.43 8.89 10.65
N GLU A 789 -19.38 8.39 9.86
CA GLU A 789 -19.13 7.36 8.88
C GLU A 789 -18.11 7.80 7.81
N GLU A 790 -18.16 9.08 7.44
CA GLU A 790 -17.18 9.61 6.52
C GLU A 790 -15.75 9.52 7.12
N LEU A 791 -15.64 9.80 8.42
CA LEU A 791 -14.36 9.75 9.13
C LEU A 791 -13.82 8.31 9.15
N MET A 792 -14.69 7.37 9.49
CA MET A 792 -14.35 5.94 9.42
C MET A 792 -13.83 5.48 8.08
N LYS A 793 -14.48 5.90 7.00
CA LYS A 793 -14.05 5.57 5.62
C LYS A 793 -12.66 6.09 5.31
N MET A 794 -12.36 7.33 5.73
CA MET A 794 -11.04 7.88 5.62
C MET A 794 -9.93 7.05 6.33
N HIS A 795 -10.30 6.49 7.48
CA HIS A 795 -9.34 5.69 8.24
C HIS A 795 -9.53 4.15 8.13
N THR A 796 -10.11 3.69 7.02
CA THR A 796 -10.12 2.27 6.64
C THR A 796 -8.69 1.67 6.64
N ALA A 797 -8.56 0.36 6.87
CA ALA A 797 -7.28 -0.27 7.14
C ALA A 797 -7.29 -1.72 6.69
N ARG A 798 -6.09 -2.26 6.46
CA ARG A 798 -5.91 -3.69 6.24
C ARG A 798 -5.75 -4.32 7.61
N VAL A 799 -6.18 -5.57 7.72
CA VAL A 799 -5.86 -6.36 8.93
C VAL A 799 -4.34 -6.36 9.21
N ARG A 800 -3.52 -6.48 8.16
CA ARG A 800 -2.09 -6.47 8.33
C ARG A 800 -1.57 -5.16 8.99
N ASP A 801 -2.21 -4.01 8.72
CA ASP A 801 -1.76 -2.78 9.37
C ASP A 801 -1.96 -2.90 10.89
N ILE A 802 -3.11 -3.47 11.29
CA ILE A 802 -3.47 -3.63 12.72
C ILE A 802 -2.47 -4.62 13.39
N GLU A 803 -2.12 -5.68 12.66
CA GLU A 803 -1.10 -6.65 13.13
C GLU A 803 0.27 -6.03 13.44
N HIS A 804 0.79 -5.22 12.50
CA HIS A 804 2.05 -4.49 12.77
C HIS A 804 1.96 -3.61 14.02
N LEU A 805 0.81 -2.90 14.13
CA LEU A 805 0.53 -1.95 15.21
C LEU A 805 0.25 -2.57 16.59
N THR A 806 -0.01 -3.90 16.65
CA THR A 806 -0.41 -4.54 17.90
C THR A 806 0.47 -5.71 18.27
N GLY A 807 1.23 -6.21 17.31
CA GLY A 807 2.03 -7.43 17.55
C GLY A 807 1.18 -8.69 17.72
N LEU A 808 -0.06 -8.67 17.19
CA LEU A 808 -1.00 -9.81 17.22
C LEU A 808 -1.15 -10.47 15.86
N ASP A 809 -1.54 -11.74 15.85
CA ASP A 809 -1.77 -12.43 14.58
C ASP A 809 -3.18 -13.02 14.58
N PHE A 810 -4.02 -12.60 13.62
CA PHE A 810 -5.43 -13.01 13.58
C PHE A 810 -5.70 -14.17 12.65
N TYR A 811 -6.95 -14.64 12.66
CA TYR A 811 -7.40 -15.78 11.82
C TYR A 811 -6.48 -17.02 11.89
N ARG A 812 -6.10 -17.39 13.11
CA ARG A 812 -5.20 -18.55 13.30
C ARG A 812 -5.92 -19.88 13.05
N LYS A 813 -7.23 -19.92 13.27
CA LYS A 813 -8.00 -21.19 13.16
C LYS A 813 -9.22 -21.05 12.28
N THR A 814 -9.03 -21.23 10.98
CA THR A 814 -10.13 -21.26 10.01
C THR A 814 -10.07 -22.60 9.23
N SER A 815 -11.03 -22.81 8.37
CA SER A 815 -10.91 -23.94 7.46
C SER A 815 -10.35 -23.50 6.08
N ARG A 816 -9.76 -22.30 5.96
CA ARG A 816 -9.29 -21.82 4.64
C ARG A 816 -7.79 -22.08 4.41
N SER A 817 -7.28 -22.08 3.17
CA SER A 817 -5.84 -22.16 3.00
C SER A 817 -5.11 -20.88 3.59
N TYR A 818 -3.86 -21.04 4.01
CA TYR A 818 -3.13 -19.94 4.67
C TYR A 818 -2.88 -18.78 3.67
N SER A 819 -2.58 -19.14 2.42
CA SER A 819 -2.46 -18.16 1.32
C SER A 819 -3.69 -17.33 1.07
N GLU A 820 -4.86 -17.97 1.04
CA GLU A 820 -6.14 -17.23 1.05
C GLU A 820 -6.30 -16.29 2.26
N ILE A 821 -5.89 -16.72 3.45
CA ILE A 821 -5.95 -15.90 4.65
C ILE A 821 -5.00 -14.69 4.55
N LEU A 822 -3.78 -14.90 4.03
CA LEU A 822 -2.83 -13.80 3.78
C LEU A 822 -3.41 -12.75 2.80
N THR A 823 -4.08 -13.19 1.74
CA THR A 823 -4.84 -12.31 0.83
C THR A 823 -5.94 -11.52 1.59
N LEU A 824 -6.78 -12.21 2.34
CA LEU A 824 -7.76 -11.55 3.21
C LEU A 824 -7.14 -10.44 4.13
N LYS A 825 -6.00 -10.75 4.73
CA LYS A 825 -5.33 -9.84 5.65
C LYS A 825 -4.75 -8.59 4.97
N THR A 826 -4.42 -8.67 3.67
CA THR A 826 -3.94 -7.49 2.92
C THR A 826 -5.07 -6.70 2.26
N TYR A 827 -6.30 -7.22 2.28
CA TYR A 827 -7.45 -6.53 1.65
C TYR A 827 -7.72 -5.15 2.27
N LEU A 828 -8.08 -4.18 1.41
CA LEU A 828 -8.45 -2.87 1.94
C LEU A 828 -9.81 -2.50 1.36
N HIS A 829 -10.76 -2.22 2.23
CA HIS A 829 -12.07 -1.72 1.76
C HIS A 829 -11.95 -0.18 1.55
N THR A 830 -11.99 0.28 0.30
CA THR A 830 -11.63 1.67 -0.06
C THR A 830 -12.78 2.73 -0.17
N TYR A 831 -14.01 2.25 -0.39
CA TYR A 831 -15.26 3.10 -0.44
C TYR A 831 -15.39 4.01 -1.67
N GLU A 832 -14.61 3.70 -2.69
CA GLU A 832 -14.78 4.33 -4.01
C GLU A 832 -15.75 3.43 -4.77
N SER A 833 -16.57 4.03 -5.64
CA SER A 833 -17.30 3.25 -6.66
C SER A 833 -16.35 2.41 -7.58
N GLU A 834 -16.91 1.45 -8.33
CA GLU A 834 -16.16 0.46 -9.16
C GLU A 834 -14.99 1.01 -10.01
C1 NAG B . 8.52 -2.07 6.31
C2 NAG B . 8.21 -2.05 7.79
C3 NAG B . 9.50 -1.54 8.46
C4 NAG B . 10.81 -2.22 8.07
C5 NAG B . 10.89 -2.51 6.55
C6 NAG B . 12.02 -3.48 6.16
C7 NAG B . 5.98 -1.60 8.65
C8 NAG B . 4.90 -0.62 8.94
N2 NAG B . 7.11 -1.14 8.08
O3 NAG B . 9.41 -1.62 9.89
O4 NAG B . 11.85 -1.32 8.49
O5 NAG B . 9.64 -2.98 6.06
O6 NAG B . 11.93 -4.65 6.96
O7 NAG B . 5.84 -2.79 8.91
C1 NAG B . 12.84 -1.94 9.31
C2 NAG B . 14.17 -1.24 9.04
C3 NAG B . 15.23 -1.83 9.97
C4 NAG B . 14.78 -1.93 11.45
C5 NAG B . 13.35 -2.52 11.60
C6 NAG B . 12.75 -2.44 13.02
C7 NAG B . 14.46 -0.45 6.68
C8 NAG B . 15.05 -0.80 5.34
N2 NAG B . 14.64 -1.35 7.66
O3 NAG B . 16.30 -0.89 9.84
O4 NAG B . 15.74 -2.65 12.27
O5 NAG B . 12.48 -1.81 10.66
O6 NAG B . 12.45 -1.09 13.39
O7 NAG B . 13.88 0.61 6.81
C1 BMA B . 16.67 -1.69 12.87
C2 BMA B . 16.86 -1.89 14.38
C3 BMA B . 17.88 -0.87 14.96
C4 BMA B . 19.14 -0.64 14.11
C5 BMA B . 18.86 -0.60 12.59
C6 BMA B . 20.14 -0.71 11.75
O2 BMA B . 17.24 -3.26 14.60
O3 BMA B . 18.33 -1.23 16.29
O4 BMA B . 19.76 0.59 14.55
O5 BMA B . 17.94 -1.64 12.20
O6 BMA B . 20.01 0.28 10.73
C1 MAN B . 20.76 0.09 9.49
C2 MAN B . 20.21 1.17 8.52
C3 MAN B . 19.05 0.67 7.62
C4 MAN B . 19.28 -0.72 7.01
C5 MAN B . 19.74 -1.76 8.08
C6 MAN B . 20.12 -3.13 7.52
O2 MAN B . 21.23 1.88 7.75
O3 MAN B . 18.69 1.63 6.59
O4 MAN B . 18.07 -1.14 6.37
O5 MAN B . 20.80 -1.26 8.95
O6 MAN B . 20.70 -3.12 6.20
C1 MAN B . 17.94 2.77 7.10
C2 MAN B . 16.82 3.14 6.11
C3 MAN B . 17.47 3.63 4.80
C4 MAN B . 18.59 4.69 4.98
C5 MAN B . 19.18 4.88 6.41
C6 MAN B . 18.77 6.28 6.87
O2 MAN B . 15.96 4.17 6.65
O3 MAN B . 16.47 4.16 3.93
O4 MAN B . 19.65 4.46 4.03
O5 MAN B . 18.77 3.92 7.42
O6 MAN B . 19.62 6.74 7.92
C1 MAN B . 14.67 3.76 7.20
C2 MAN B . 13.76 5.00 7.38
C3 MAN B . 14.31 5.87 8.51
C4 MAN B . 14.51 5.06 9.83
C5 MAN B . 15.25 3.71 9.61
C6 MAN B . 15.31 2.80 10.86
O2 MAN B . 12.37 4.68 7.69
O3 MAN B . 13.37 6.93 8.64
O4 MAN B . 15.15 5.84 10.86
O5 MAN B . 14.73 3.00 8.46
O6 MAN B . 16.44 1.88 10.80
C1 MAN B . 17.93 -0.30 17.34
C2 MAN B . 19.06 -0.23 18.39
C3 MAN B . 19.18 -1.55 19.17
C4 MAN B . 17.82 -1.90 19.81
C5 MAN B . 16.81 -1.95 18.66
C6 MAN B . 15.47 -2.62 18.99
O2 MAN B . 18.74 0.80 19.35
O3 MAN B . 20.19 -1.42 20.18
O4 MAN B . 17.94 -3.18 20.43
O5 MAN B . 16.67 -0.66 17.99
O6 MAN B . 15.63 -3.97 18.52
C1 MAN B . 19.87 1.65 19.65
C2 MAN B . 19.81 1.95 21.18
C3 MAN B . 18.94 3.18 21.54
C4 MAN B . 18.91 4.30 20.46
C5 MAN B . 18.78 3.72 19.02
C6 MAN B . 18.67 4.79 17.92
O2 MAN B . 21.12 2.03 21.78
O3 MAN B . 19.40 3.72 22.79
O4 MAN B . 17.87 5.25 20.77
O5 MAN B . 19.87 2.81 18.80
O6 MAN B . 19.89 4.91 17.16
C10 YE0 C . 11.64 9.46 -14.46
C11 YE0 C . 12.65 9.85 -16.76
C13 YE0 C . 12.65 8.41 -14.78
C16 YE0 C . 13.84 7.34 -16.53
C19 YE0 C . 14.08 5.23 -15.12
C20 YE0 C . 13.75 4.43 -13.91
C22 YE0 C . 14.15 4.92 -12.69
C23 YE0 C . 13.94 4.14 -11.56
C25 YE0 C . 12.99 2.48 -12.78
C26 YE0 C . 13.12 3.18 -14.01
C27 YE0 C . 14.28 4.66 -10.22
C28 YE0 C . 13.53 4.17 -8.99
C1 YE0 C . 10.16 12.01 -14.87
C2 YE0 C . 10.12 12.82 -13.70
C3 YE0 C . 8.85 13.18 -13.17
C4 YE0 C . 8.95 11.58 -15.50
C5 YE0 C . 7.68 11.94 -14.98
C6 YE0 C . 7.63 12.76 -13.82
C7 YE0 C . 11.49 11.64 -15.47
O8 YE0 C . 12.31 12.51 -15.79
N9 YE0 C . 11.75 10.35 -15.68
C12 YE0 C . 12.69 8.36 -16.34
C14 YE0 C . 12.36 6.95 -14.55
N15 YE0 C . 13.47 6.40 -15.38
O21 YE0 C . 14.88 4.80 -15.97
N24 YE0 C . 13.40 2.92 -11.58
C29 YE0 C . 15.00 3.76 -9.18
S30 YE0 C . 6.15 13.25 -13.17
N31 YE0 C . 5.87 12.13 -11.98
O32 YE0 C . 6.45 14.48 -12.45
O33 YE0 C . 5.10 13.27 -14.12
O34 YE0 C . 12.34 1.28 -12.89
C35 YE0 C . 12.26 0.53 -11.69
C36 YE0 C . 11.64 -0.83 -12.13
C37 YE0 C . 11.52 -1.65 -10.83
C38 YE0 C . 10.68 -2.94 -11.11
O39 YE0 C . 9.36 -2.54 -11.45
C40 YE0 C . 9.27 -1.81 -12.67
C41 YE0 C . 10.26 -0.55 -12.74
F42 YE0 C . 9.01 10.80 -16.58
CA CA D . 5.24 8.40 -13.08
C ACT E . -9.60 12.85 -2.15
O ACT E . -10.34 11.94 -1.69
OXT ACT E . -9.93 13.45 -3.21
CH3 ACT E . -8.32 13.19 -1.42
K K F . -12.38 13.13 33.28
ZN ZN G . 3.62 12.53 -14.23
NA NA H . -14.92 20.02 13.59
CA CA I . 5.64 2.46 17.43
#